data_8G7D
#
_entry.id   8G7D
#
_cell.length_a   1.00
_cell.length_b   1.00
_cell.length_c   1.00
_cell.angle_alpha   90.00
_cell.angle_beta   90.00
_cell.angle_gamma   90.00
#
_symmetry.space_group_name_H-M   'P 1'
#
loop_
_entity.id
_entity.type
_entity.pdbx_description
1 polymer Neuroligin-1,Neuroligin-2
2 non-polymer 2-acetamido-2-deoxy-beta-D-glucopyranose
#
_entity_poly.entity_id   1
_entity_poly.type   'polypeptide(L)'
_entity_poly.pdbx_seq_one_letter_code
;MALPRCMWPNYVWRAMMACVVHRGSGAPLTLCLLGCLLQTFHVLSQKYPYDVPDYAQRGGGGPGGGAPGGPGLGLGSLGE
ERFPVVNTAYGRVRGVRRELNNEILGPVVQFLGVPYATPPLGARRFQPPEAPASWPGVRNATTLPPACPQNLHGALPAIM
LPVWFTDNLEAAATYVQNQSEDCLYLNLYVPTEDDIRDSGKKPVMLFLHGGSYMEGTGNMFDGSVLAAYGNVIVVTLNYR
LGVLGFLSTGDQAAKGNYGLLDQIQALRWLSENIAHFGGDPERITIFGSGAGASCVNLLILSHHSEGLFQKAIAQSGTAI
SSWSVNYQPLKYTRLLAAKVGCDREDSTEAVECLRRKSSRELVDQDVQPARYHIAFGPVVDGDVVPDDPEILMQQGEFLN
YDMLIGVNQGEGLKFVEDSAESEDGVSASAFDFTVSNFVDNLYGYPEGKDVLRETIKFMYTDWADRDNGEMRRKTLLALF
TDHQWVAPAVATAKLHADYQSPVYFYTFYHHCQAEGRPEWADAAHGDELPYVFGVPMVGATDLFPCNFSKNDVMLSAVVM
TYWTNFAKTGDPNQPVPQDTKFIHTKPNRFEEVVWSKFNSKEKQYLHIGLKPRVRDNYRANKVAFWLELVPHLHNLHTEL
FTTTTRLPPYATRWPPRTPGPGTSGTRRPPPPATLPPESDIDLGPRAYDRFPGDSRDYSTELSVTVAVGASLLFLNILAF
AALYYKRDRRQELRCRRLSPPGGSGSGVPGGGPLLPTAGRELPPEEELVSLQLKRGGGVGADPAEALRPACPPDYTLALR
RAPDDVPLLAPGALTLLPSGLGPPPPPPPPSLHPFGPFPPPPPTATSHNNTLPHPHSTTRVSNSLEVLFQ
;
_entity_poly.pdbx_strand_id   A,B
#
# COMPACT_ATOMS: atom_id res chain seq x y z
N ARG A 82 -61.45 -6.76 10.66
CA ARG A 82 -61.58 -8.22 10.72
C ARG A 82 -60.56 -8.80 11.70
N PHE A 83 -60.98 -9.85 12.42
CA PHE A 83 -60.15 -10.49 13.44
C PHE A 83 -60.11 -11.99 13.14
N PRO A 84 -59.27 -12.41 12.21
CA PRO A 84 -59.20 -13.84 11.88
C PRO A 84 -58.62 -14.65 13.03
N VAL A 85 -59.03 -15.92 13.07
CA VAL A 85 -58.61 -16.85 14.11
C VAL A 85 -57.89 -18.02 13.44
N VAL A 86 -56.71 -18.35 13.93
CA VAL A 86 -55.89 -19.42 13.40
C VAL A 86 -55.59 -20.41 14.52
N ASN A 87 -55.80 -21.69 14.26
CA ASN A 87 -55.60 -22.74 15.25
C ASN A 87 -54.20 -23.30 15.13
N THR A 88 -53.49 -23.36 16.26
CA THR A 88 -52.14 -23.91 16.33
C THR A 88 -52.17 -25.24 17.08
N ALA A 89 -50.99 -25.81 17.27
CA ALA A 89 -50.90 -27.11 17.93
C ALA A 89 -51.12 -27.02 19.44
N TYR A 90 -51.04 -25.82 20.01
CA TYR A 90 -51.26 -25.64 21.44
C TYR A 90 -52.56 -24.91 21.77
N GLY A 91 -53.22 -24.33 20.78
CA GLY A 91 -54.45 -23.61 21.05
C GLY A 91 -54.85 -22.77 19.85
N ARG A 92 -55.71 -21.79 20.10
CA ARG A 92 -56.21 -20.90 19.07
C ARG A 92 -55.83 -19.47 19.42
N VAL A 93 -55.51 -18.67 18.40
CA VAL A 93 -55.12 -17.29 18.57
C VAL A 93 -55.95 -16.43 17.62
N ARG A 94 -56.10 -15.16 17.99
CA ARG A 94 -56.86 -14.19 17.21
C ARG A 94 -55.96 -13.00 16.89
N GLY A 95 -55.94 -12.60 15.62
CA GLY A 95 -55.11 -11.51 15.16
C GLY A 95 -55.91 -10.28 14.80
N VAL A 96 -55.23 -9.36 14.12
CA VAL A 96 -55.81 -8.11 13.66
C VAL A 96 -55.50 -7.96 12.18
N ARG A 97 -56.18 -6.99 11.55
CA ARG A 97 -56.07 -6.77 10.11
C ARG A 97 -55.68 -5.33 9.83
N ARG A 98 -54.65 -4.86 10.51
CA ARG A 98 -54.18 -3.50 10.32
C ARG A 98 -53.74 -3.27 8.89
N GLU A 99 -54.19 -2.16 8.31
CA GLU A 99 -53.90 -1.82 6.92
C GLU A 99 -52.78 -0.79 6.86
N LEU A 100 -51.90 -0.93 5.87
CA LEU A 100 -50.75 -0.06 5.75
C LEU A 100 -51.16 1.32 5.23
N ASN A 101 -50.29 2.30 5.45
CA ASN A 101 -50.55 3.68 5.06
C ASN A 101 -50.33 3.93 3.57
N ASN A 102 -49.81 2.97 2.84
CA ASN A 102 -49.58 3.11 1.41
C ASN A 102 -50.66 2.40 0.62
N GLU A 103 -50.82 2.82 -0.64
CA GLU A 103 -51.82 2.23 -1.52
C GLU A 103 -51.31 1.02 -2.28
N ILE A 104 -50.01 0.97 -2.59
CA ILE A 104 -49.46 -0.14 -3.36
C ILE A 104 -49.20 -1.37 -2.50
N LEU A 105 -49.42 -1.30 -1.21
CA LEU A 105 -49.19 -2.41 -0.30
C LEU A 105 -50.52 -2.85 0.30
N GLY A 106 -50.75 -4.16 0.33
CA GLY A 106 -51.98 -4.70 0.87
C GLY A 106 -51.95 -4.78 2.39
N PRO A 107 -53.10 -5.09 2.96
CA PRO A 107 -53.18 -5.24 4.42
C PRO A 107 -52.46 -6.50 4.88
N VAL A 108 -52.02 -6.46 6.14
CA VAL A 108 -51.34 -7.59 6.77
C VAL A 108 -52.07 -7.97 8.04
N VAL A 109 -51.81 -9.20 8.50
CA VAL A 109 -52.41 -9.75 9.70
C VAL A 109 -51.31 -9.96 10.73
N GLN A 110 -51.49 -9.42 11.92
CA GLN A 110 -50.46 -9.40 12.95
C GLN A 110 -50.90 -10.23 14.14
N PHE A 111 -50.17 -11.32 14.41
CA PHE A 111 -50.39 -12.13 15.60
C PHE A 111 -49.28 -11.80 16.60
N LEU A 112 -49.51 -10.73 17.36
CA LEU A 112 -48.51 -10.23 18.30
C LEU A 112 -48.69 -10.87 19.66
N GLY A 113 -47.61 -11.45 20.18
CA GLY A 113 -47.62 -12.01 21.52
C GLY A 113 -47.95 -13.49 21.58
N VAL A 114 -47.45 -14.26 20.62
CA VAL A 114 -47.68 -15.70 20.57
C VAL A 114 -46.55 -16.38 21.33
N PRO A 115 -46.83 -17.14 22.38
CA PRO A 115 -45.75 -17.77 23.14
C PRO A 115 -45.05 -18.85 22.35
N TYR A 116 -43.75 -19.03 22.64
CA TYR A 116 -43.01 -20.14 22.06
C TYR A 116 -42.20 -20.92 23.07
N ALA A 117 -42.21 -20.54 24.34
CA ALA A 117 -41.49 -21.27 25.38
C ALA A 117 -42.17 -20.99 26.72
N THR A 118 -42.06 -21.96 27.62
CA THR A 118 -42.70 -21.83 28.92
C THR A 118 -41.98 -20.74 29.72
N PRO A 119 -42.70 -19.76 30.26
CA PRO A 119 -42.05 -18.62 30.91
C PRO A 119 -41.25 -19.05 32.13
N PRO A 120 -39.94 -18.79 32.14
CA PRO A 120 -39.04 -19.25 33.22
C PRO A 120 -38.91 -18.25 34.38
N LEU A 121 -39.99 -18.05 35.12
CA LEU A 121 -39.93 -17.12 36.25
C LEU A 121 -39.13 -17.71 37.41
N GLY A 122 -39.41 -18.96 37.78
CA GLY A 122 -38.88 -19.51 39.01
C GLY A 122 -37.56 -20.24 38.89
N ALA A 123 -37.55 -21.51 39.28
CA ALA A 123 -36.34 -22.32 39.21
C ALA A 123 -35.93 -22.63 37.78
N ARG A 124 -36.78 -22.32 36.79
CA ARG A 124 -36.45 -22.52 35.39
C ARG A 124 -35.41 -21.52 34.89
N ARG A 125 -35.04 -20.53 35.69
CA ARG A 125 -33.98 -19.61 35.31
C ARG A 125 -32.66 -20.35 35.16
N PHE A 126 -31.84 -19.88 34.22
CA PHE A 126 -30.56 -20.50 33.90
C PHE A 126 -30.73 -21.95 33.45
N GLN A 127 -31.85 -22.25 32.80
CA GLN A 127 -32.12 -23.56 32.25
C GLN A 127 -32.63 -23.41 30.82
N PRO A 128 -32.36 -24.40 29.95
CA PRO A 128 -32.85 -24.31 28.59
C PRO A 128 -34.37 -24.35 28.57
N PRO A 129 -34.98 -23.73 27.57
CA PRO A 129 -36.45 -23.64 27.53
C PRO A 129 -37.09 -24.97 27.14
N GLU A 130 -38.41 -24.97 27.17
CA GLU A 130 -39.20 -26.14 26.80
C GLU A 130 -40.48 -25.67 26.12
N ALA A 131 -41.20 -26.62 25.54
CA ALA A 131 -42.42 -26.28 24.80
C ALA A 131 -43.46 -25.69 25.74
N PRO A 132 -44.32 -24.80 25.25
CA PRO A 132 -45.32 -24.18 26.11
C PRO A 132 -46.42 -25.16 26.49
N ALA A 133 -47.28 -24.71 27.39
CA ALA A 133 -48.43 -25.48 27.83
C ALA A 133 -49.67 -25.05 27.06
N SER A 134 -50.45 -26.03 26.62
CA SER A 134 -51.64 -25.75 25.83
C SER A 134 -52.65 -24.95 26.65
N TRP A 135 -53.33 -24.01 25.99
CA TRP A 135 -54.35 -23.19 26.63
C TRP A 135 -55.72 -23.52 26.07
N PRO A 136 -56.68 -23.87 26.93
CA PRO A 136 -58.04 -24.12 26.43
C PRO A 136 -58.70 -22.84 25.95
N GLY A 137 -59.63 -23.01 25.01
CA GLY A 137 -60.35 -21.87 24.49
C GLY A 137 -59.54 -21.10 23.45
N VAL A 138 -59.86 -19.81 23.34
CA VAL A 138 -59.23 -18.92 22.37
C VAL A 138 -58.40 -17.89 23.12
N ARG A 139 -57.15 -17.73 22.70
CA ARG A 139 -56.23 -16.78 23.30
C ARG A 139 -56.14 -15.52 22.44
N ASN A 140 -56.08 -14.37 23.11
CA ASN A 140 -55.98 -13.09 22.43
C ASN A 140 -54.52 -12.76 22.13
N ALA A 141 -54.22 -12.46 20.88
CA ALA A 141 -52.89 -12.01 20.45
C ALA A 141 -53.07 -10.74 19.65
N THR A 142 -53.16 -9.61 20.33
CA THR A 142 -53.40 -8.31 19.70
C THR A 142 -52.39 -7.25 20.11
N THR A 143 -51.94 -7.26 21.37
CA THR A 143 -51.03 -6.24 21.87
C THR A 143 -49.61 -6.79 21.97
N LEU A 144 -48.64 -5.89 21.82
CA LEU A 144 -47.25 -6.28 21.81
C LEU A 144 -46.84 -6.86 23.16
N PRO A 145 -46.00 -7.89 23.18
CA PRO A 145 -45.68 -8.58 24.43
C PRO A 145 -44.64 -7.82 25.24
N PRO A 146 -44.44 -8.20 26.50
CA PRO A 146 -43.38 -7.57 27.30
C PRO A 146 -42.00 -7.93 26.80
N ALA A 147 -41.04 -7.07 27.12
CA ALA A 147 -39.64 -7.26 26.77
C ALA A 147 -38.89 -7.92 27.92
N CYS A 148 -37.81 -8.62 27.59
CA CYS A 148 -36.98 -9.24 28.61
C CYS A 148 -36.29 -8.15 29.44
N PRO A 149 -35.99 -8.44 30.70
CA PRO A 149 -35.38 -7.41 31.56
C PRO A 149 -34.05 -6.92 30.99
N GLN A 150 -33.85 -5.61 31.09
CA GLN A 150 -32.63 -4.96 30.61
C GLN A 150 -32.53 -3.60 31.26
N ASN A 151 -31.32 -3.04 31.20
CA ASN A 151 -31.04 -1.72 31.77
C ASN A 151 -30.55 -0.82 30.65
N LEU A 152 -31.49 -0.15 29.97
CA LEU A 152 -31.15 0.67 28.82
C LEU A 152 -30.55 2.01 29.20
N HIS A 153 -30.58 2.39 30.48
CA HIS A 153 -30.02 3.64 30.94
C HIS A 153 -28.73 3.44 31.74
N GLY A 154 -28.09 2.29 31.58
CA GLY A 154 -26.86 1.96 32.26
C GLY A 154 -25.64 2.16 31.39
N ALA A 155 -24.59 1.41 31.68
CA ALA A 155 -23.32 1.52 30.98
C ALA A 155 -23.25 0.43 29.90
N LEU A 156 -23.87 0.73 28.76
CA LEU A 156 -23.88 -0.18 27.62
C LEU A 156 -22.66 0.06 26.73
N PRO A 157 -22.20 -0.97 26.01
CA PRO A 157 -21.10 -0.76 25.06
C PRO A 157 -21.49 0.18 23.94
N ALA A 158 -20.90 1.37 23.91
CA ALA A 158 -21.29 2.37 22.92
C ALA A 158 -20.93 1.93 21.51
N ILE A 159 -19.75 1.34 21.32
CA ILE A 159 -19.28 1.03 19.97
C ILE A 159 -20.12 -0.05 19.32
N MET A 160 -20.54 -1.05 20.10
CA MET A 160 -21.27 -2.17 19.54
C MET A 160 -22.63 -1.74 18.98
N LEU A 161 -23.32 -0.85 19.68
CA LEU A 161 -24.68 -0.50 19.33
C LEU A 161 -24.75 0.24 18.00
N PRO A 162 -25.87 0.16 17.29
CA PRO A 162 -26.02 0.93 16.06
C PRO A 162 -26.07 2.42 16.33
N VAL A 163 -25.86 3.20 15.28
CA VAL A 163 -25.86 4.65 15.42
C VAL A 163 -27.26 5.17 15.70
N TRP A 164 -28.27 4.64 14.99
CA TRP A 164 -29.64 5.11 15.21
C TRP A 164 -30.14 4.74 16.60
N PHE A 165 -29.60 3.69 17.20
CA PHE A 165 -29.99 3.34 18.57
C PHE A 165 -29.40 4.29 19.58
N THR A 166 -28.12 4.65 19.43
CA THR A 166 -27.46 5.47 20.44
C THR A 166 -27.92 6.92 20.37
N ASP A 167 -28.12 7.45 19.17
CA ASP A 167 -28.57 8.83 19.04
C ASP A 167 -29.95 9.02 19.68
N ASN A 168 -30.91 8.18 19.28
CA ASN A 168 -32.26 8.25 19.81
C ASN A 168 -32.44 7.24 20.95
N LEU A 169 -31.58 7.37 21.97
CA LEU A 169 -31.64 6.43 23.09
C LEU A 169 -32.92 6.59 23.88
N GLU A 170 -33.44 7.81 23.98
CA GLU A 170 -34.69 8.03 24.71
C GLU A 170 -35.89 7.53 23.92
N ALA A 171 -35.89 7.72 22.61
CA ALA A 171 -36.99 7.22 21.78
C ALA A 171 -37.02 5.70 21.77
N ALA A 172 -35.84 5.06 21.78
CA ALA A 172 -35.77 3.60 21.82
C ALA A 172 -36.14 3.04 23.19
N ALA A 173 -36.12 3.86 24.24
CA ALA A 173 -36.42 3.38 25.58
C ALA A 173 -37.90 3.39 25.89
N THR A 174 -38.75 3.90 25.00
CA THR A 174 -40.18 3.79 25.20
C THR A 174 -40.70 2.39 24.90
N TYR A 175 -39.98 1.65 24.04
CA TYR A 175 -40.40 0.30 23.72
C TYR A 175 -40.15 -0.65 24.89
N VAL A 176 -38.97 -0.56 25.51
CA VAL A 176 -38.63 -1.44 26.64
C VAL A 176 -39.07 -0.73 27.91
N GLN A 177 -40.36 -0.88 28.21
CA GLN A 177 -40.95 -0.30 29.42
C GLN A 177 -41.64 -1.33 30.29
N ASN A 178 -42.30 -2.32 29.70
CA ASN A 178 -42.96 -3.39 30.45
C ASN A 178 -42.02 -4.59 30.57
N GLN A 179 -40.84 -4.34 31.13
CA GLN A 179 -39.84 -5.39 31.26
C GLN A 179 -40.28 -6.41 32.31
N SER A 180 -40.33 -7.67 31.91
CA SER A 180 -40.73 -8.75 32.81
C SER A 180 -40.04 -10.03 32.37
N GLU A 181 -39.79 -10.92 33.33
CA GLU A 181 -39.21 -12.22 33.02
C GLU A 181 -40.16 -13.09 32.20
N ASP A 182 -41.44 -12.74 32.13
CA ASP A 182 -42.38 -13.47 31.29
C ASP A 182 -42.25 -12.98 29.85
N CYS A 183 -41.02 -12.94 29.35
CA CYS A 183 -40.75 -12.66 27.95
C CYS A 183 -40.66 -14.01 27.22
N LEU A 184 -40.04 -14.03 26.05
CA LEU A 184 -40.08 -15.16 25.11
C LEU A 184 -41.47 -15.32 24.53
N TYR A 185 -41.96 -14.26 23.89
CA TYR A 185 -43.11 -14.31 23.01
C TYR A 185 -42.64 -14.09 21.57
N LEU A 186 -43.58 -14.18 20.63
CA LEU A 186 -43.25 -14.18 19.22
C LEU A 186 -44.27 -13.37 18.46
N ASN A 187 -43.79 -12.52 17.55
CA ASN A 187 -44.64 -11.64 16.76
C ASN A 187 -44.64 -12.12 15.31
N LEU A 188 -45.83 -12.17 14.70
CA LEU A 188 -46.01 -12.62 13.33
C LEU A 188 -46.67 -11.53 12.51
N TYR A 189 -46.25 -11.39 11.26
CA TYR A 189 -46.82 -10.41 10.33
C TYR A 189 -47.15 -11.14 9.03
N VAL A 190 -48.33 -11.73 8.97
CA VAL A 190 -48.77 -12.52 7.82
C VAL A 190 -49.39 -11.57 6.79
N PRO A 191 -48.91 -11.55 5.55
CA PRO A 191 -49.52 -10.69 4.53
C PRO A 191 -50.79 -11.30 3.98
N THR A 192 -51.46 -10.53 3.12
CA THR A 192 -52.69 -10.99 2.48
C THR A 192 -52.67 -10.64 0.99
N GLY A 200 -48.22 -21.70 -3.18
CA GLY A 200 -49.22 -21.34 -2.19
C GLY A 200 -48.63 -20.98 -0.85
N LYS A 201 -47.66 -21.77 -0.40
CA LYS A 201 -47.00 -21.50 0.87
C LYS A 201 -45.99 -20.37 0.73
N LYS A 202 -45.94 -19.51 1.74
CA LYS A 202 -45.08 -18.33 1.77
C LYS A 202 -43.84 -18.59 2.60
N PRO A 203 -42.72 -17.93 2.27
CA PRO A 203 -41.50 -18.11 3.07
C PRO A 203 -41.62 -17.47 4.44
N VAL A 204 -40.62 -17.73 5.27
CA VAL A 204 -40.54 -17.18 6.62
C VAL A 204 -39.18 -16.53 6.80
N MET A 205 -39.15 -15.33 7.37
CA MET A 205 -37.91 -14.58 7.58
C MET A 205 -37.81 -14.20 9.06
N LEU A 206 -37.27 -15.10 9.88
CA LEU A 206 -37.09 -14.81 11.29
C LEU A 206 -35.99 -13.77 11.47
N PHE A 207 -36.25 -12.75 12.28
CA PHE A 207 -35.32 -11.65 12.50
C PHE A 207 -34.75 -11.75 13.90
N LEU A 208 -33.42 -11.82 14.01
CA LEU A 208 -32.72 -11.88 15.28
C LEU A 208 -32.19 -10.49 15.59
N HIS A 209 -32.85 -9.81 16.53
CA HIS A 209 -32.51 -8.43 16.87
C HIS A 209 -31.25 -8.39 17.75
N GLY A 210 -30.90 -7.19 18.20
CA GLY A 210 -29.82 -7.03 19.14
C GLY A 210 -28.59 -6.34 18.56
N GLY A 211 -28.16 -5.26 19.20
CA GLY A 211 -26.90 -4.64 18.85
C GLY A 211 -25.80 -5.15 19.75
N SER A 212 -26.08 -5.19 21.05
CA SER A 212 -25.30 -5.92 22.02
C SER A 212 -26.06 -7.16 22.44
N TYR A 213 -25.52 -7.89 23.40
CA TYR A 213 -26.17 -9.08 23.92
C TYR A 213 -27.01 -8.80 25.16
N MET A 214 -27.13 -7.53 25.57
CA MET A 214 -27.86 -7.20 26.79
C MET A 214 -28.76 -6.00 26.62
N GLU A 215 -29.36 -5.83 25.43
CA GLU A 215 -30.27 -4.73 25.19
C GLU A 215 -31.12 -5.04 23.96
N GLY A 216 -32.09 -4.16 23.71
CA GLY A 216 -32.92 -4.27 22.53
C GLY A 216 -34.17 -5.11 22.78
N THR A 217 -35.05 -5.09 21.78
CA THR A 217 -36.27 -5.88 21.80
C THR A 217 -36.76 -6.06 20.37
N GLY A 218 -37.69 -7.01 20.20
CA GLY A 218 -38.25 -7.29 18.90
C GLY A 218 -39.40 -6.41 18.48
N ASN A 219 -39.86 -5.52 19.37
CA ASN A 219 -40.96 -4.61 19.03
C ASN A 219 -40.49 -3.36 18.30
N MET A 220 -39.18 -3.10 18.26
CA MET A 220 -38.67 -1.89 17.63
C MET A 220 -38.89 -1.91 16.12
N PHE A 221 -38.95 -3.09 15.52
CA PHE A 221 -39.01 -3.24 14.07
C PHE A 221 -40.38 -3.75 13.66
N ASP A 222 -41.11 -2.93 12.92
CA ASP A 222 -42.45 -3.28 12.43
C ASP A 222 -42.31 -3.88 11.05
N GLY A 223 -42.35 -5.20 10.96
CA GLY A 223 -42.17 -5.89 9.69
C GLY A 223 -43.42 -5.98 8.86
N SER A 224 -44.29 -4.98 8.95
CA SER A 224 -45.51 -4.98 8.16
C SER A 224 -45.24 -4.60 6.70
N VAL A 225 -44.35 -3.64 6.47
CA VAL A 225 -44.04 -3.21 5.11
C VAL A 225 -43.26 -4.30 4.37
N LEU A 226 -42.30 -4.92 5.05
CA LEU A 226 -41.50 -5.97 4.40
C LEU A 226 -42.36 -7.18 4.05
N ALA A 227 -43.34 -7.50 4.89
CA ALA A 227 -44.20 -8.64 4.63
C ALA A 227 -45.15 -8.38 3.46
N ALA A 228 -45.68 -7.16 3.36
CA ALA A 228 -46.65 -6.86 2.32
C ALA A 228 -45.98 -6.68 0.96
N TYR A 229 -44.81 -6.06 0.92
CA TYR A 229 -44.14 -5.81 -0.36
C TYR A 229 -43.57 -7.08 -0.94
N GLY A 230 -42.90 -7.89 -0.13
CA GLY A 230 -42.26 -9.10 -0.59
C GLY A 230 -43.09 -10.35 -0.52
N ASN A 231 -44.32 -10.28 -0.02
CA ASN A 231 -45.21 -11.44 0.09
C ASN A 231 -44.54 -12.57 0.87
N VAL A 232 -43.90 -12.21 1.98
CA VAL A 232 -43.29 -13.18 2.88
C VAL A 232 -43.87 -12.98 4.28
N ILE A 233 -43.57 -13.93 5.16
CA ILE A 233 -44.02 -13.87 6.55
C ILE A 233 -42.82 -13.49 7.40
N VAL A 234 -42.84 -12.28 7.96
CA VAL A 234 -41.76 -11.77 8.77
C VAL A 234 -42.07 -12.03 10.24
N VAL A 235 -41.11 -12.59 10.97
CA VAL A 235 -41.28 -12.95 12.37
C VAL A 235 -40.21 -12.23 13.18
N THR A 236 -40.63 -11.54 14.23
CA THR A 236 -39.72 -10.92 15.18
C THR A 236 -40.02 -11.44 16.57
N LEU A 237 -38.97 -11.75 17.33
CA LEU A 237 -39.11 -12.44 18.60
C LEU A 237 -38.37 -11.69 19.69
N ASN A 238 -38.58 -12.12 20.93
CA ASN A 238 -37.85 -11.66 22.10
C ASN A 238 -37.18 -12.84 22.77
N TYR A 239 -35.88 -12.72 23.05
CA TYR A 239 -35.14 -13.77 23.72
C TYR A 239 -34.39 -13.18 24.91
N ARG A 240 -33.98 -14.04 25.83
CA ARG A 240 -33.34 -13.59 27.06
C ARG A 240 -32.02 -12.90 26.75
N LEU A 241 -31.76 -11.80 27.45
CA LEU A 241 -30.64 -10.93 27.14
C LEU A 241 -29.76 -10.73 28.37
N GLY A 242 -28.45 -10.65 28.14
CA GLY A 242 -27.55 -10.27 29.21
C GLY A 242 -27.40 -11.36 30.25
N VAL A 243 -27.57 -10.95 31.52
CA VAL A 243 -27.32 -11.87 32.63
C VAL A 243 -28.30 -13.03 32.63
N LEU A 244 -29.59 -12.73 32.41
CA LEU A 244 -30.62 -13.76 32.53
C LEU A 244 -30.57 -14.78 31.41
N GLY A 245 -29.83 -14.53 30.34
CA GLY A 245 -29.83 -15.44 29.21
C GLY A 245 -28.45 -15.83 28.71
N PHE A 246 -27.39 -15.32 29.34
CA PHE A 246 -26.05 -15.66 28.89
C PHE A 246 -25.07 -15.88 30.04
N LEU A 247 -25.52 -15.88 31.28
CA LEU A 247 -24.62 -16.10 32.40
C LEU A 247 -24.11 -17.53 32.39
N SER A 248 -22.79 -17.70 32.52
CA SER A 248 -22.17 -19.02 32.50
C SER A 248 -21.01 -19.04 33.48
N THR A 249 -20.70 -20.24 33.98
CA THR A 249 -19.59 -20.43 34.90
C THR A 249 -18.49 -21.32 34.34
N GLY A 250 -18.71 -21.98 33.21
CA GLY A 250 -17.74 -22.91 32.66
C GLY A 250 -17.87 -24.33 33.16
N ASP A 251 -18.74 -24.57 34.13
CA ASP A 251 -19.00 -25.91 34.67
C ASP A 251 -20.43 -26.32 34.31
N GLN A 252 -20.84 -27.48 34.85
CA GLN A 252 -22.19 -27.97 34.60
C GLN A 252 -23.25 -27.22 35.40
N ALA A 253 -22.85 -26.39 36.36
CA ALA A 253 -23.83 -25.63 37.14
C ALA A 253 -24.59 -24.64 36.26
N ALA A 254 -23.88 -23.94 35.37
CA ALA A 254 -24.52 -23.01 34.45
C ALA A 254 -23.69 -23.01 33.16
N LYS A 255 -24.12 -23.81 32.19
CA LYS A 255 -23.37 -23.92 30.94
C LYS A 255 -23.36 -22.60 30.18
N GLY A 256 -24.50 -21.91 30.13
CA GLY A 256 -24.61 -20.68 29.37
C GLY A 256 -25.35 -20.88 28.06
N ASN A 257 -25.25 -19.86 27.22
CA ASN A 257 -25.91 -19.84 25.91
C ASN A 257 -27.41 -20.04 26.03
N TYR A 258 -28.00 -19.51 27.10
CA TYR A 258 -29.45 -19.62 27.27
C TYR A 258 -30.20 -18.79 26.23
N GLY A 259 -29.65 -17.65 25.83
CA GLY A 259 -30.27 -16.87 24.79
C GLY A 259 -30.24 -17.57 23.44
N LEU A 260 -29.17 -18.31 23.16
CA LEU A 260 -29.09 -19.05 21.91
C LEU A 260 -30.08 -20.20 21.87
N LEU A 261 -30.29 -20.87 23.01
CA LEU A 261 -31.24 -21.96 23.05
C LEU A 261 -32.67 -21.46 22.90
N ASP A 262 -32.93 -20.20 23.24
CA ASP A 262 -34.26 -19.64 23.04
C ASP A 262 -34.51 -19.31 21.58
N GLN A 263 -33.49 -18.84 20.87
CA GLN A 263 -33.62 -18.57 19.44
C GLN A 263 -33.91 -19.84 18.66
N ILE A 264 -33.25 -20.93 19.04
CA ILE A 264 -33.50 -22.22 18.39
C ILE A 264 -34.93 -22.68 18.67
N GLN A 265 -35.43 -22.42 19.88
CA GLN A 265 -36.78 -22.81 20.22
C GLN A 265 -37.80 -22.10 19.34
N ALA A 266 -37.57 -20.82 19.04
CA ALA A 266 -38.45 -20.11 18.12
C ALA A 266 -38.44 -20.73 16.74
N LEU A 267 -37.26 -21.17 16.28
CA LEU A 267 -37.18 -21.88 15.00
C LEU A 267 -37.93 -23.21 15.09
N ARG A 268 -37.77 -23.93 16.20
CA ARG A 268 -38.48 -25.20 16.36
C ARG A 268 -39.98 -24.98 16.43
N TRP A 269 -40.42 -23.94 17.14
CA TRP A 269 -41.84 -23.60 17.15
C TRP A 269 -42.32 -23.21 15.77
N LEU A 270 -41.53 -22.42 15.04
CA LEU A 270 -41.92 -22.04 13.69
C LEU A 270 -41.95 -23.24 12.76
N SER A 271 -40.95 -24.12 12.86
CA SER A 271 -40.88 -25.29 11.98
C SER A 271 -42.01 -26.28 12.23
N GLU A 272 -42.73 -26.15 13.35
CA GLU A 272 -43.76 -27.10 13.72
C GLU A 272 -45.17 -26.54 13.65
N ASN A 273 -45.31 -25.21 13.60
CA ASN A 273 -46.63 -24.58 13.66
C ASN A 273 -46.92 -23.57 12.56
N ILE A 274 -45.92 -23.17 11.77
CA ILE A 274 -46.15 -22.14 10.77
C ILE A 274 -46.94 -22.65 9.58
N ALA A 275 -47.18 -23.95 9.49
CA ALA A 275 -48.00 -24.48 8.40
C ALA A 275 -49.43 -23.97 8.50
N HIS A 276 -49.96 -23.84 9.73
CA HIS A 276 -51.33 -23.38 9.90
C HIS A 276 -51.50 -21.95 9.41
N PHE A 277 -50.54 -21.07 9.74
CA PHE A 277 -50.62 -19.68 9.34
C PHE A 277 -50.46 -19.48 7.84
N GLY A 278 -50.05 -20.50 7.10
CA GLY A 278 -49.84 -20.39 5.67
C GLY A 278 -48.40 -20.28 5.23
N GLY A 279 -47.44 -20.44 6.14
CA GLY A 279 -46.05 -20.35 5.77
C GLY A 279 -45.51 -21.65 5.20
N ASP A 280 -44.26 -21.59 4.75
CA ASP A 280 -43.57 -22.73 4.18
C ASP A 280 -42.46 -23.18 5.10
N PRO A 281 -42.62 -24.27 5.85
CA PRO A 281 -41.58 -24.68 6.80
C PRO A 281 -40.31 -25.19 6.15
N GLU A 282 -40.23 -25.22 4.83
CA GLU A 282 -39.04 -25.68 4.13
C GLU A 282 -38.27 -24.54 3.48
N ARG A 283 -38.65 -23.28 3.75
CA ARG A 283 -37.96 -22.12 3.19
C ARG A 283 -37.77 -21.05 4.25
N ILE A 284 -37.39 -21.46 5.46
CA ILE A 284 -37.29 -20.54 6.58
C ILE A 284 -35.93 -19.84 6.52
N THR A 285 -35.94 -18.54 6.26
CA THR A 285 -34.74 -17.71 6.29
C THR A 285 -34.57 -17.08 7.67
N ILE A 286 -33.33 -16.92 8.08
CA ILE A 286 -32.99 -16.29 9.35
C ILE A 286 -32.01 -15.15 9.06
N PHE A 287 -32.25 -13.99 9.65
CA PHE A 287 -31.39 -12.85 9.37
C PHE A 287 -31.39 -11.89 10.54
N GLY A 288 -30.33 -11.08 10.60
CA GLY A 288 -30.18 -10.13 11.69
C GLY A 288 -29.07 -9.15 11.39
N SER A 289 -28.74 -8.34 12.39
CA SER A 289 -27.69 -7.34 12.25
C SER A 289 -26.98 -7.16 13.58
N GLY A 290 -25.74 -6.69 13.52
CA GLY A 290 -24.95 -6.45 14.71
C GLY A 290 -24.71 -7.69 15.54
N ALA A 291 -25.32 -7.75 16.72
CA ALA A 291 -25.25 -8.95 17.53
C ALA A 291 -26.25 -10.00 17.08
N GLY A 292 -27.24 -9.62 16.27
CA GLY A 292 -28.10 -10.62 15.66
C GLY A 292 -27.36 -11.46 14.63
N ALA A 293 -26.49 -10.83 13.83
CA ALA A 293 -25.71 -11.57 12.86
C ALA A 293 -24.65 -12.44 13.53
N SER A 294 -24.10 -11.99 14.67
CA SER A 294 -23.12 -12.80 15.37
C SER A 294 -23.73 -14.08 15.90
N CYS A 295 -25.01 -14.05 16.30
CA CYS A 295 -25.70 -15.26 16.69
C CYS A 295 -26.42 -15.94 15.53
N VAL A 296 -26.43 -15.33 14.35
CA VAL A 296 -26.83 -16.06 13.15
C VAL A 296 -25.72 -17.02 12.72
N ASN A 297 -24.48 -16.53 12.70
CA ASN A 297 -23.35 -17.38 12.34
C ASN A 297 -23.11 -18.46 13.37
N LEU A 298 -23.32 -18.16 14.65
CA LEU A 298 -23.16 -19.18 15.69
C LEU A 298 -24.22 -20.26 15.59
N LEU A 299 -25.40 -19.93 15.05
CA LEU A 299 -26.43 -20.93 14.86
C LEU A 299 -26.11 -21.87 13.70
N ILE A 300 -25.38 -21.37 12.70
CA ILE A 300 -24.92 -22.24 11.62
C ILE A 300 -23.94 -23.27 12.15
N LEU A 301 -23.03 -22.85 13.02
CA LEU A 301 -21.98 -23.70 13.57
C LEU A 301 -22.47 -24.47 14.80
N SER A 302 -23.59 -25.16 14.68
CA SER A 302 -24.15 -25.90 15.81
C SER A 302 -24.93 -27.10 15.31
N HIS A 303 -25.04 -28.11 16.16
CA HIS A 303 -25.78 -29.31 15.83
C HIS A 303 -27.25 -29.24 16.24
N HIS A 304 -27.58 -28.37 17.19
CA HIS A 304 -28.97 -28.26 17.63
C HIS A 304 -29.87 -27.76 16.51
N SER A 305 -29.43 -26.75 15.76
CA SER A 305 -30.18 -26.25 14.62
C SER A 305 -29.70 -26.94 13.35
N GLU A 306 -30.02 -28.24 13.27
CA GLU A 306 -29.59 -29.05 12.14
C GLU A 306 -30.57 -28.98 10.98
N GLY A 307 -31.82 -29.35 11.22
CA GLY A 307 -32.82 -29.35 10.16
C GLY A 307 -33.97 -28.39 10.41
N LEU A 308 -33.66 -27.20 10.92
CA LEU A 308 -34.69 -26.23 11.28
C LEU A 308 -34.85 -25.12 10.24
N PHE A 309 -33.75 -24.49 9.83
CA PHE A 309 -33.79 -23.43 8.83
C PHE A 309 -32.94 -23.81 7.64
N GLN A 310 -33.03 -23.01 6.57
CA GLN A 310 -32.36 -23.30 5.31
C GLN A 310 -31.29 -22.27 4.96
N LYS A 311 -31.64 -20.98 4.96
CA LYS A 311 -30.75 -19.93 4.52
C LYS A 311 -30.31 -19.07 5.71
N ALA A 312 -29.53 -18.03 5.42
CA ALA A 312 -29.06 -17.14 6.46
C ALA A 312 -28.53 -15.86 5.82
N ILE A 313 -28.94 -14.72 6.36
CA ILE A 313 -28.47 -13.41 5.92
C ILE A 313 -27.79 -12.74 7.11
N ALA A 314 -26.52 -12.42 6.97
CA ALA A 314 -25.73 -11.78 8.02
C ALA A 314 -25.34 -10.39 7.55
N GLN A 315 -25.89 -9.37 8.20
CA GLN A 315 -25.61 -7.97 7.86
C GLN A 315 -24.69 -7.39 8.93
N SER A 316 -23.45 -7.08 8.53
CA SER A 316 -22.50 -6.39 9.39
C SER A 316 -22.30 -7.14 10.71
N GLY A 317 -21.81 -8.37 10.60
CA GLY A 317 -21.56 -9.18 11.78
C GLY A 317 -21.01 -10.55 11.47
N THR A 318 -20.15 -11.07 12.34
CA THR A 318 -19.55 -12.39 12.18
C THR A 318 -19.42 -13.03 13.56
N ALA A 319 -18.95 -14.28 13.58
CA ALA A 319 -18.71 -15.01 14.81
C ALA A 319 -17.24 -15.02 15.22
N ILE A 320 -16.38 -14.29 14.50
CA ILE A 320 -14.96 -14.30 14.74
C ILE A 320 -14.43 -12.90 15.07
N SER A 321 -15.30 -12.00 15.52
CA SER A 321 -14.88 -10.68 15.94
C SER A 321 -14.38 -10.71 17.39
N SER A 322 -13.90 -9.57 17.86
CA SER A 322 -13.49 -9.47 19.27
C SER A 322 -14.68 -9.59 20.20
N TRP A 323 -15.80 -8.96 19.84
CA TRP A 323 -16.99 -8.92 20.68
C TRP A 323 -18.06 -9.90 20.21
N SER A 324 -17.66 -11.06 19.70
CA SER A 324 -18.63 -12.03 19.21
C SER A 324 -18.98 -13.08 20.26
N VAL A 325 -17.96 -13.66 20.90
CA VAL A 325 -18.16 -14.65 21.95
C VAL A 325 -17.35 -14.23 23.16
N ASN A 326 -17.69 -14.82 24.31
CA ASN A 326 -17.04 -14.54 25.58
C ASN A 326 -16.11 -15.69 25.93
N TYR A 327 -14.85 -15.38 26.25
CA TYR A 327 -13.85 -16.38 26.55
C TYR A 327 -13.44 -16.42 28.01
N GLN A 328 -13.91 -15.48 28.83
CA GLN A 328 -13.64 -15.45 30.27
C GLN A 328 -14.96 -15.27 31.01
N PRO A 329 -15.80 -16.29 31.02
CA PRO A 329 -17.13 -16.12 31.62
C PRO A 329 -17.13 -16.20 33.13
N LEU A 330 -16.18 -16.95 33.70
CA LEU A 330 -16.14 -17.11 35.15
C LEU A 330 -15.72 -15.82 35.84
N LYS A 331 -14.83 -15.06 35.22
CA LYS A 331 -14.34 -13.83 35.85
C LYS A 331 -15.48 -12.82 36.02
N TYR A 332 -16.32 -12.66 35.00
CA TYR A 332 -17.41 -11.70 35.07
C TYR A 332 -18.57 -12.22 35.92
N THR A 333 -18.81 -13.53 35.92
CA THR A 333 -19.83 -14.10 36.79
C THR A 333 -19.47 -13.88 38.26
N ARG A 334 -18.20 -14.09 38.61
CA ARG A 334 -17.77 -13.81 39.98
C ARG A 334 -17.87 -12.33 40.31
N LEU A 335 -17.53 -11.46 39.36
CA LEU A 335 -17.65 -10.02 39.59
C LEU A 335 -19.09 -9.61 39.84
N LEU A 336 -20.03 -10.17 39.05
CA LEU A 336 -21.43 -9.85 39.26
C LEU A 336 -21.95 -10.43 40.57
N ALA A 337 -21.65 -11.69 40.84
CA ALA A 337 -22.17 -12.34 42.04
C ALA A 337 -21.66 -11.65 43.30
N ALA A 338 -20.36 -11.35 43.34
CA ALA A 338 -19.81 -10.67 44.50
C ALA A 338 -20.43 -9.29 44.69
N LYS A 339 -20.88 -8.67 43.59
CA LYS A 339 -21.53 -7.37 43.70
C LYS A 339 -22.94 -7.50 44.27
N VAL A 340 -23.67 -8.55 43.90
CA VAL A 340 -25.06 -8.64 44.29
C VAL A 340 -25.20 -9.22 45.70
N GLY A 341 -24.88 -10.51 45.86
CA GLY A 341 -24.97 -11.09 47.17
C GLY A 341 -24.06 -12.25 47.54
N CYS A 342 -23.22 -12.71 46.61
CA CYS A 342 -22.63 -14.03 46.77
C CYS A 342 -21.18 -14.08 46.32
N ASP A 343 -20.35 -14.74 47.14
CA ASP A 343 -18.99 -15.08 46.76
C ASP A 343 -18.69 -16.52 47.16
N ARG A 344 -19.70 -17.38 47.02
CA ARG A 344 -19.54 -18.79 47.39
C ARG A 344 -18.50 -19.45 46.50
N GLU A 345 -17.60 -20.21 47.14
CA GLU A 345 -16.52 -20.84 46.38
C GLU A 345 -17.02 -21.92 45.45
N ASP A 346 -18.04 -22.67 45.87
CA ASP A 346 -18.64 -23.68 45.00
C ASP A 346 -19.50 -23.02 43.93
N SER A 347 -19.33 -23.49 42.69
CA SER A 347 -20.09 -22.92 41.58
C SER A 347 -21.58 -23.17 41.74
N THR A 348 -21.95 -24.36 42.21
CA THR A 348 -23.37 -24.68 42.37
C THR A 348 -24.03 -23.77 43.40
N GLU A 349 -23.35 -23.50 44.51
CA GLU A 349 -23.92 -22.62 45.54
C GLU A 349 -24.15 -21.22 45.01
N ALA A 350 -23.20 -20.70 44.22
CA ALA A 350 -23.35 -19.36 43.66
C ALA A 350 -24.55 -19.29 42.72
N VAL A 351 -24.72 -20.33 41.89
CA VAL A 351 -25.83 -20.34 40.94
C VAL A 351 -27.17 -20.37 41.68
N GLU A 352 -27.26 -21.18 42.73
CA GLU A 352 -28.52 -21.31 43.46
C GLU A 352 -28.95 -19.98 44.09
N CYS A 353 -28.01 -19.26 44.68
CA CYS A 353 -28.35 -18.01 45.34
C CYS A 353 -28.75 -16.94 44.33
N LEU A 354 -28.13 -16.94 43.15
CA LEU A 354 -28.50 -15.98 42.12
C LEU A 354 -29.94 -16.18 41.66
N ARG A 355 -30.45 -17.41 41.75
CA ARG A 355 -31.84 -17.66 41.42
C ARG A 355 -32.80 -17.09 42.45
N ARG A 356 -32.32 -16.84 43.67
CA ARG A 356 -33.17 -16.30 44.72
C ARG A 356 -33.44 -14.80 44.56
N LYS A 357 -32.46 -14.06 44.03
CA LYS A 357 -32.61 -12.61 43.91
C LYS A 357 -33.62 -12.27 42.82
N SER A 358 -34.05 -11.01 42.83
CA SER A 358 -35.02 -10.52 41.86
C SER A 358 -34.34 -10.27 40.52
N SER A 359 -35.17 -10.13 39.48
CA SER A 359 -34.64 -9.87 38.14
C SER A 359 -33.99 -8.50 38.05
N ARG A 360 -34.59 -7.49 38.68
CA ARG A 360 -34.06 -6.14 38.60
C ARG A 360 -32.76 -5.97 39.39
N GLU A 361 -32.50 -6.84 40.36
CA GLU A 361 -31.26 -6.72 41.13
C GLU A 361 -30.06 -7.15 40.31
N LEU A 362 -30.20 -8.22 39.53
CA LEU A 362 -29.09 -8.70 38.71
C LEU A 362 -28.84 -7.81 37.51
N VAL A 363 -29.91 -7.31 36.88
CA VAL A 363 -29.77 -6.61 35.62
C VAL A 363 -29.06 -5.27 35.79
N ASP A 364 -29.34 -4.57 36.89
CA ASP A 364 -28.89 -3.19 37.08
C ASP A 364 -27.60 -3.09 37.89
N GLN A 365 -26.69 -4.05 37.73
CA GLN A 365 -25.52 -4.12 38.59
C GLN A 365 -24.26 -3.48 37.99
N ASP A 366 -24.30 -3.05 36.73
CA ASP A 366 -23.24 -2.24 36.12
C ASP A 366 -21.89 -2.97 36.16
N VAL A 367 -21.84 -4.06 35.39
CA VAL A 367 -20.60 -4.81 35.17
C VAL A 367 -20.01 -4.36 33.84
N GLN A 368 -18.72 -4.00 33.84
CA GLN A 368 -18.07 -3.45 32.66
C GLN A 368 -16.99 -4.40 32.15
N PRO A 369 -17.00 -4.76 30.87
CA PRO A 369 -15.94 -5.60 30.33
C PRO A 369 -14.76 -4.78 29.82
N ALA A 370 -13.73 -5.45 29.31
CA ALA A 370 -12.61 -4.75 28.71
C ALA A 370 -13.05 -4.08 27.41
N ARG A 371 -12.18 -3.21 26.88
CA ARG A 371 -12.50 -2.52 25.65
C ARG A 371 -12.55 -3.49 24.47
N TYR A 372 -13.56 -3.31 23.62
CA TYR A 372 -13.80 -4.16 22.45
C TYR A 372 -14.06 -5.62 22.83
N HIS A 373 -14.53 -5.87 24.04
CA HIS A 373 -14.88 -7.22 24.49
C HIS A 373 -16.26 -7.17 25.14
N ILE A 374 -16.82 -8.36 25.37
CA ILE A 374 -18.16 -8.47 25.96
C ILE A 374 -18.05 -9.16 27.31
N ALA A 375 -18.97 -8.81 28.20
CA ALA A 375 -19.01 -9.39 29.55
C ALA A 375 -19.91 -10.62 29.59
N PHE A 376 -21.17 -10.48 29.20
CA PHE A 376 -22.12 -11.58 29.16
C PHE A 376 -22.54 -11.80 27.70
N GLY A 377 -22.17 -12.94 27.15
CA GLY A 377 -22.46 -13.27 25.78
C GLY A 377 -22.28 -14.75 25.52
N PRO A 378 -22.34 -15.16 24.26
CA PRO A 378 -22.14 -16.58 23.94
C PRO A 378 -20.76 -17.05 24.40
N VAL A 379 -20.73 -18.27 24.93
CA VAL A 379 -19.50 -18.85 25.47
C VAL A 379 -19.40 -20.29 25.01
N VAL A 380 -18.18 -20.73 24.69
CA VAL A 380 -17.97 -22.10 24.26
C VAL A 380 -18.13 -23.03 25.46
N ASP A 381 -19.03 -23.99 25.35
CA ASP A 381 -19.31 -24.93 26.42
C ASP A 381 -19.24 -26.38 25.96
N GLY A 382 -19.62 -26.67 24.73
CA GLY A 382 -19.63 -28.02 24.19
C GLY A 382 -20.97 -28.50 23.70
N ASP A 383 -22.07 -27.80 24.00
CA ASP A 383 -23.40 -28.21 23.58
C ASP A 383 -23.87 -27.43 22.36
N VAL A 384 -23.88 -26.09 22.44
CA VAL A 384 -24.33 -25.26 21.34
C VAL A 384 -23.15 -24.97 20.43
N VAL A 385 -22.09 -24.36 20.98
CA VAL A 385 -20.85 -24.14 20.27
C VAL A 385 -19.80 -25.07 20.85
N PRO A 386 -19.45 -26.17 20.17
CA PRO A 386 -18.62 -27.20 20.79
C PRO A 386 -17.19 -26.76 21.14
N ASP A 387 -16.42 -26.30 20.15
CA ASP A 387 -14.99 -26.07 20.37
C ASP A 387 -14.60 -24.61 20.27
N ASP A 388 -14.85 -23.96 19.13
CA ASP A 388 -14.43 -22.58 18.93
C ASP A 388 -15.05 -22.08 17.63
N PRO A 389 -15.57 -20.86 17.57
CA PRO A 389 -16.13 -20.36 16.31
C PRO A 389 -15.10 -20.29 15.20
N GLU A 390 -13.83 -20.04 15.52
CA GLU A 390 -12.79 -20.03 14.49
C GLU A 390 -12.44 -21.43 14.03
N ILE A 391 -12.33 -22.38 14.96
CA ILE A 391 -11.90 -23.72 14.61
C ILE A 391 -12.97 -24.46 13.83
N LEU A 392 -14.24 -24.30 14.23
CA LEU A 392 -15.31 -25.10 13.64
C LEU A 392 -15.45 -24.85 12.14
N MET A 393 -15.40 -23.59 11.72
CA MET A 393 -15.54 -23.30 10.30
C MET A 393 -14.28 -23.67 9.53
N GLN A 394 -13.11 -23.65 10.20
CA GLN A 394 -11.88 -24.04 9.53
C GLN A 394 -11.87 -25.52 9.18
N GLN A 395 -12.53 -26.35 10.00
CA GLN A 395 -12.61 -27.78 9.75
C GLN A 395 -13.79 -28.17 8.86
N GLY A 396 -14.58 -27.19 8.41
CA GLY A 396 -15.69 -27.48 7.52
C GLY A 396 -16.76 -28.35 8.13
N GLU A 397 -17.17 -28.05 9.36
CA GLU A 397 -18.20 -28.81 10.06
C GLU A 397 -19.44 -27.94 10.20
N PHE A 398 -20.29 -27.97 9.18
CA PHE A 398 -21.61 -27.35 9.22
C PHE A 398 -22.46 -27.99 8.14
N LEU A 399 -23.71 -27.55 8.03
CA LEU A 399 -24.71 -28.20 7.20
C LEU A 399 -24.90 -27.54 5.84
N ASN A 400 -23.99 -26.65 5.43
CA ASN A 400 -23.95 -26.12 4.07
C ASN A 400 -25.21 -25.32 3.73
N TYR A 401 -25.42 -24.25 4.47
CA TYR A 401 -26.52 -23.33 4.21
C TYR A 401 -26.12 -22.26 3.21
N ASP A 402 -27.11 -21.69 2.53
CA ASP A 402 -26.88 -20.51 1.72
C ASP A 402 -26.61 -19.31 2.62
N MET A 403 -25.96 -18.29 2.05
CA MET A 403 -25.52 -17.18 2.88
C MET A 403 -25.59 -15.89 2.10
N LEU A 404 -25.57 -14.77 2.82
CA LEU A 404 -25.56 -13.43 2.24
C LEU A 404 -24.90 -12.49 3.24
N ILE A 405 -23.63 -12.19 3.03
CA ILE A 405 -22.87 -11.36 3.94
C ILE A 405 -22.79 -9.95 3.36
N GLY A 406 -22.41 -8.99 4.19
CA GLY A 406 -22.23 -7.63 3.72
C GLY A 406 -21.72 -6.74 4.83
N VAL A 407 -21.28 -5.54 4.42
CA VAL A 407 -20.80 -4.50 5.32
C VAL A 407 -21.22 -3.15 4.73
N ASN A 408 -20.87 -2.07 5.44
CA ASN A 408 -21.11 -0.72 4.99
C ASN A 408 -19.78 -0.04 4.70
N GLN A 409 -19.85 1.25 4.33
CA GLN A 409 -18.63 1.98 4.00
C GLN A 409 -17.80 2.25 5.25
N GLY A 410 -18.34 3.03 6.17
CA GLY A 410 -17.67 3.25 7.43
C GLY A 410 -18.57 2.97 8.60
N GLU A 411 -18.26 1.91 9.35
CA GLU A 411 -19.06 1.54 10.51
C GLU A 411 -18.39 1.91 11.82
N GLY A 412 -17.10 2.22 11.80
CA GLY A 412 -16.41 2.68 12.98
C GLY A 412 -16.56 4.16 13.19
N LEU A 413 -17.74 4.70 12.87
CA LEU A 413 -17.99 6.13 13.05
C LEU A 413 -17.89 6.53 14.51
N LYS A 414 -18.15 5.60 15.43
CA LYS A 414 -17.99 5.89 16.85
C LYS A 414 -16.56 5.75 17.32
N PHE A 415 -15.66 5.18 16.52
CA PHE A 415 -14.26 5.15 16.89
C PHE A 415 -13.68 6.57 16.92
N VAL A 416 -14.01 7.38 15.93
CA VAL A 416 -13.59 8.78 15.90
C VAL A 416 -14.76 9.59 16.45
N GLU A 417 -14.81 9.73 17.76
CA GLU A 417 -15.87 10.46 18.42
C GLU A 417 -15.38 11.64 19.25
N ASP A 418 -14.27 11.47 19.99
CA ASP A 418 -13.72 12.58 20.76
C ASP A 418 -13.24 13.69 19.83
N SER A 419 -12.58 13.34 18.75
CA SER A 419 -12.10 14.30 17.76
C SER A 419 -13.08 14.42 16.60
N ALA A 420 -14.32 14.77 16.94
CA ALA A 420 -15.38 14.92 15.96
C ALA A 420 -15.86 16.35 15.79
N GLU A 421 -15.42 17.27 16.64
CA GLU A 421 -15.81 18.67 16.58
C GLU A 421 -14.57 19.57 16.52
N SER A 422 -13.61 19.21 15.68
CA SER A 422 -12.39 19.97 15.49
C SER A 422 -12.35 20.58 14.10
N GLU A 423 -11.70 21.74 13.98
CA GLU A 423 -11.66 22.45 12.71
C GLU A 423 -10.96 21.63 11.63
N ASP A 424 -9.83 20.99 11.97
CA ASP A 424 -9.06 20.20 11.01
C ASP A 424 -8.82 18.81 11.59
N GLY A 425 -9.79 17.91 11.36
CA GLY A 425 -9.68 16.50 11.70
C GLY A 425 -8.98 16.18 13.01
N VAL A 426 -8.05 15.23 12.96
CA VAL A 426 -7.27 14.83 14.14
C VAL A 426 -5.83 15.24 13.90
N SER A 427 -5.18 15.71 14.97
CA SER A 427 -3.78 16.09 14.88
C SER A 427 -2.90 14.87 14.73
N ALA A 428 -1.79 15.04 14.00
CA ALA A 428 -0.85 13.94 13.80
C ALA A 428 -0.25 13.45 15.12
N SER A 429 -0.19 14.32 16.14
CA SER A 429 0.30 13.88 17.44
C SER A 429 -0.72 13.00 18.17
N ALA A 430 -1.98 13.05 17.76
CA ALA A 430 -3.03 12.20 18.32
C ALA A 430 -3.37 11.02 17.43
N PHE A 431 -2.73 10.89 16.27
CA PHE A 431 -2.95 9.72 15.43
C PHE A 431 -2.26 8.50 16.01
N ASP A 432 -0.97 8.62 16.34
CA ASP A 432 -0.26 7.48 16.89
C ASP A 432 -0.69 7.16 18.31
N PHE A 433 -1.40 8.08 18.97
CA PHE A 433 -1.93 7.78 20.30
C PHE A 433 -3.10 6.80 20.22
N THR A 434 -4.02 7.03 19.29
CA THR A 434 -5.16 6.13 19.16
C THR A 434 -4.75 4.81 18.52
N VAL A 435 -3.76 4.82 17.64
CA VAL A 435 -3.27 3.58 17.03
C VAL A 435 -2.54 2.74 18.07
N SER A 436 -1.72 3.38 18.90
CA SER A 436 -1.04 2.65 19.97
C SER A 436 -2.04 2.09 20.98
N ASN A 437 -3.06 2.87 21.32
CA ASN A 437 -4.11 2.37 22.19
C ASN A 437 -4.89 1.24 21.52
N PHE A 438 -5.12 1.34 20.22
CA PHE A 438 -5.79 0.28 19.50
C PHE A 438 -5.01 -1.03 19.56
N VAL A 439 -3.69 -0.95 19.39
CA VAL A 439 -2.85 -2.14 19.53
C VAL A 439 -2.76 -2.58 20.99
N ASP A 440 -2.82 -1.62 21.92
CA ASP A 440 -2.60 -1.95 23.33
C ASP A 440 -3.67 -2.88 23.87
N ASN A 441 -4.94 -2.56 23.63
CA ASN A 441 -6.04 -3.28 24.25
C ASN A 441 -6.72 -4.27 23.31
N LEU A 442 -6.16 -4.50 22.13
CA LEU A 442 -6.72 -5.46 21.19
C LEU A 442 -5.77 -6.59 20.83
N TYR A 443 -4.47 -6.33 20.74
CA TYR A 443 -3.48 -7.38 20.55
C TYR A 443 -2.67 -7.63 21.82
N GLY A 444 -2.01 -6.61 22.35
CA GLY A 444 -1.33 -6.73 23.63
C GLY A 444 -0.30 -7.83 23.69
N TYR A 445 0.26 -8.23 22.57
CA TYR A 445 1.16 -9.37 22.53
C TYR A 445 2.54 -8.96 23.02
N PRO A 446 3.06 -9.60 24.08
CA PRO A 446 4.43 -9.29 24.53
C PRO A 446 5.51 -9.84 23.62
N GLU A 447 5.15 -10.54 22.55
CA GLU A 447 6.12 -11.09 21.60
C GLU A 447 6.59 -10.07 20.58
N GLY A 448 6.44 -8.77 20.88
CA GLY A 448 6.86 -7.72 19.98
C GLY A 448 5.71 -6.94 19.42
N LYS A 449 5.47 -5.75 19.98
CA LYS A 449 4.43 -4.85 19.50
C LYS A 449 4.99 -3.59 18.87
N ASP A 450 6.30 -3.34 18.97
CA ASP A 450 6.90 -2.18 18.34
C ASP A 450 6.81 -2.27 16.81
N VAL A 451 7.06 -3.45 16.26
CA VAL A 451 6.99 -3.61 14.81
C VAL A 451 5.54 -3.54 14.33
N LEU A 452 4.62 -4.13 15.09
CA LEU A 452 3.22 -4.12 14.70
C LEU A 452 2.63 -2.71 14.73
N ARG A 453 2.97 -1.94 15.76
CA ARG A 453 2.43 -0.59 15.89
C ARG A 453 2.91 0.31 14.76
N GLU A 454 4.18 0.19 14.37
CA GLU A 454 4.71 1.03 13.31
C GLU A 454 4.19 0.61 11.94
N THR A 455 3.91 -0.68 11.76
CA THR A 455 3.47 -1.17 10.45
C THR A 455 2.06 -0.69 10.14
N ILE A 456 1.15 -0.78 11.10
CA ILE A 456 -0.23 -0.36 10.85
C ILE A 456 -0.38 1.15 10.90
N LYS A 457 0.55 1.86 11.53
CA LYS A 457 0.58 3.31 11.41
C LYS A 457 0.95 3.73 9.99
N PHE A 458 1.92 3.03 9.40
CA PHE A 458 2.39 3.41 8.06
C PHE A 458 1.41 2.94 6.99
N MET A 459 0.78 1.78 7.18
CA MET A 459 -0.20 1.30 6.21
C MET A 459 -1.38 2.26 6.09
N TYR A 460 -1.91 2.71 7.21
CA TYR A 460 -3.09 3.58 7.22
C TYR A 460 -2.67 5.05 7.26
N THR A 461 -1.96 5.44 6.21
CA THR A 461 -1.51 6.82 6.02
C THR A 461 -1.64 7.14 4.54
N ASP A 462 -1.71 8.44 4.24
CA ASP A 462 -2.02 8.92 2.90
C ASP A 462 -0.90 9.75 2.31
N TRP A 463 0.31 9.20 2.30
CA TRP A 463 1.56 9.90 1.99
C TRP A 463 1.45 10.88 0.83
N ALA A 464 0.54 10.64 -0.12
CA ALA A 464 0.27 11.64 -1.14
C ALA A 464 -0.29 12.93 -0.54
N ASP A 465 -0.94 12.84 0.61
CA ASP A 465 -1.53 13.97 1.32
C ASP A 465 -1.16 13.91 2.80
N ARG A 466 0.15 13.76 3.07
CA ARG A 466 0.62 13.49 4.42
C ARG A 466 0.22 14.57 5.42
N ASP A 467 0.00 15.80 4.95
CA ASP A 467 -0.29 16.92 5.84
C ASP A 467 -1.75 17.38 5.72
N ASN A 468 -2.66 16.47 5.39
CA ASN A 468 -4.07 16.86 5.27
C ASN A 468 -4.70 17.09 6.63
N GLY A 469 -4.47 16.19 7.58
CA GLY A 469 -5.05 16.33 8.92
C GLY A 469 -6.53 16.03 9.04
N GLU A 470 -7.36 16.69 8.23
CA GLU A 470 -8.79 16.38 8.21
C GLU A 470 -9.03 14.99 7.64
N MET A 471 -8.25 14.59 6.64
CA MET A 471 -8.34 13.26 6.06
C MET A 471 -7.90 12.18 7.02
N ARG A 472 -7.12 12.51 8.04
CA ARG A 472 -6.69 11.51 9.02
C ARG A 472 -7.88 10.87 9.74
N ARG A 473 -9.00 11.59 9.82
CA ARG A 473 -10.22 10.99 10.34
C ARG A 473 -10.68 9.84 9.45
N LYS A 474 -10.61 10.01 8.14
CA LYS A 474 -11.07 8.97 7.22
C LYS A 474 -10.19 7.73 7.26
N THR A 475 -8.96 7.86 7.74
CA THR A 475 -8.07 6.70 7.87
C THR A 475 -8.16 6.05 9.23
N LEU A 476 -8.38 6.83 10.30
CA LEU A 476 -8.64 6.24 11.60
C LEU A 476 -9.99 5.54 11.64
N LEU A 477 -10.99 6.13 10.96
CA LEU A 477 -12.29 5.48 10.84
C LEU A 477 -12.18 4.18 10.03
N ALA A 478 -11.38 4.19 8.96
CA ALA A 478 -11.22 3.01 8.14
C ALA A 478 -10.34 1.95 8.78
N LEU A 479 -9.51 2.32 9.75
CA LEU A 479 -8.72 1.32 10.46
C LEU A 479 -9.61 0.45 11.33
N PHE A 480 -10.60 1.04 11.99
CA PHE A 480 -11.51 0.28 12.84
C PHE A 480 -12.53 -0.50 12.01
N THR A 481 -12.99 0.08 10.91
CA THR A 481 -13.95 -0.61 10.05
C THR A 481 -13.33 -1.87 9.44
N ASP A 482 -12.09 -1.76 8.96
CA ASP A 482 -11.45 -2.89 8.31
C ASP A 482 -11.14 -4.00 9.31
N HIS A 483 -10.64 -3.65 10.49
CA HIS A 483 -10.22 -4.68 11.45
C HIS A 483 -11.42 -5.42 12.03
N GLN A 484 -12.45 -4.68 12.45
CA GLN A 484 -13.52 -5.28 13.22
C GLN A 484 -14.59 -5.93 12.33
N TRP A 485 -14.89 -5.32 11.18
CA TRP A 485 -16.03 -5.74 10.38
C TRP A 485 -15.65 -6.27 9.01
N VAL A 486 -14.87 -5.51 8.23
CA VAL A 486 -14.64 -5.89 6.83
C VAL A 486 -13.78 -7.15 6.74
N ALA A 487 -12.69 -7.20 7.50
CA ALA A 487 -11.81 -8.37 7.43
C ALA A 487 -12.50 -9.66 7.89
N PRO A 488 -13.20 -9.70 9.02
CA PRO A 488 -13.92 -10.93 9.37
C PRO A 488 -15.00 -11.32 8.37
N ALA A 489 -15.65 -10.34 7.74
CA ALA A 489 -16.68 -10.66 6.75
C ALA A 489 -16.09 -11.37 5.54
N VAL A 490 -14.95 -10.90 5.06
CA VAL A 490 -14.32 -11.54 3.90
C VAL A 490 -13.77 -12.91 4.28
N ALA A 491 -13.17 -13.02 5.47
CA ALA A 491 -12.65 -14.31 5.91
C ALA A 491 -13.77 -15.33 6.08
N THR A 492 -14.91 -14.91 6.61
CA THR A 492 -16.06 -15.81 6.74
C THR A 492 -16.61 -16.20 5.38
N ALA A 493 -16.72 -15.23 4.47
CA ALA A 493 -17.27 -15.52 3.14
C ALA A 493 -16.39 -16.51 2.38
N LYS A 494 -15.07 -16.35 2.48
CA LYS A 494 -14.17 -17.28 1.81
C LYS A 494 -14.28 -18.68 2.41
N LEU A 495 -14.34 -18.78 3.74
CA LEU A 495 -14.36 -20.08 4.38
C LEU A 495 -15.69 -20.80 4.14
N HIS A 496 -16.75 -20.07 3.86
CA HIS A 496 -18.03 -20.67 3.53
C HIS A 496 -18.20 -20.94 2.05
N ALA A 497 -17.25 -20.51 1.22
CA ALA A 497 -17.28 -20.78 -0.21
C ALA A 497 -16.28 -21.85 -0.62
N ASP A 498 -15.19 -22.03 0.14
CA ASP A 498 -14.28 -23.13 -0.14
C ASP A 498 -14.98 -24.48 0.02
N TYR A 499 -15.75 -24.62 1.11
CA TYR A 499 -16.70 -25.72 1.22
C TYR A 499 -17.95 -25.31 0.46
N GLN A 500 -18.24 -26.03 -0.63
CA GLN A 500 -19.22 -25.57 -1.62
C GLN A 500 -20.52 -25.15 -0.98
N SER A 501 -20.82 -23.85 -1.07
CA SER A 501 -22.00 -23.25 -0.47
C SER A 501 -22.17 -21.85 -1.05
N PRO A 502 -23.36 -21.49 -1.54
CA PRO A 502 -23.53 -20.16 -2.15
C PRO A 502 -23.30 -19.05 -1.14
N VAL A 503 -22.52 -18.04 -1.54
CA VAL A 503 -22.25 -16.88 -0.72
C VAL A 503 -22.39 -15.64 -1.58
N TYR A 504 -23.10 -14.63 -1.08
CA TYR A 504 -23.29 -13.36 -1.77
C TYR A 504 -22.79 -12.23 -0.88
N PHE A 505 -22.06 -11.30 -1.47
CA PHE A 505 -21.42 -10.22 -0.74
C PHE A 505 -21.92 -8.88 -1.28
N TYR A 506 -22.05 -7.90 -0.38
CA TYR A 506 -22.47 -6.58 -0.77
C TYR A 506 -21.80 -5.55 0.14
N THR A 507 -21.81 -4.30 -0.30
CA THR A 507 -21.36 -3.17 0.49
C THR A 507 -22.36 -2.04 0.35
N PHE A 508 -22.93 -1.59 1.46
CA PHE A 508 -23.88 -0.50 1.45
C PHE A 508 -23.13 0.83 1.39
N TYR A 509 -23.72 1.80 0.69
CA TYR A 509 -23.03 3.06 0.45
C TYR A 509 -23.96 4.26 0.57
N HIS A 510 -25.10 4.12 1.26
CA HIS A 510 -26.08 5.18 1.37
C HIS A 510 -26.55 5.28 2.82
N HIS A 511 -27.03 6.47 3.18
CA HIS A 511 -27.46 6.73 4.54
C HIS A 511 -28.53 7.81 4.53
N CYS A 512 -29.30 7.86 5.61
CA CYS A 512 -30.33 8.89 5.77
C CYS A 512 -29.70 10.15 6.36
N GLN A 513 -30.19 11.31 5.91
CA GLN A 513 -29.67 12.60 6.36
C GLN A 513 -30.27 12.92 7.72
N ALA A 514 -29.50 12.70 8.78
CA ALA A 514 -29.94 12.98 10.13
C ALA A 514 -29.59 14.42 10.49
N GLU A 515 -29.86 14.79 11.75
CA GLU A 515 -29.58 16.13 12.25
C GLU A 515 -28.27 16.21 13.02
N GLY A 516 -27.97 15.23 13.85
CA GLY A 516 -26.76 15.26 14.65
C GLY A 516 -25.60 14.48 14.06
N ARG A 517 -25.69 14.15 12.77
CA ARG A 517 -24.63 13.40 12.14
C ARG A 517 -23.81 14.29 11.20
N PRO A 518 -22.49 14.12 11.17
CA PRO A 518 -21.68 14.95 10.28
C PRO A 518 -21.94 14.65 8.81
N GLU A 519 -21.68 15.66 7.97
CA GLU A 519 -21.95 15.54 6.55
C GLU A 519 -20.96 14.65 5.81
N TRP A 520 -19.74 14.49 6.34
CA TRP A 520 -18.73 13.68 5.67
C TRP A 520 -18.91 12.19 5.91
N ALA A 521 -19.51 11.80 7.04
CA ALA A 521 -19.70 10.39 7.36
C ALA A 521 -20.68 9.75 6.39
N ASP A 522 -20.57 8.43 6.23
CA ASP A 522 -21.38 7.72 5.25
C ASP A 522 -21.58 6.30 5.74
N ALA A 523 -22.84 5.87 5.81
CA ALA A 523 -23.23 4.49 6.11
C ALA A 523 -22.59 3.98 7.39
N ALA A 524 -22.99 4.57 8.52
CA ALA A 524 -22.52 4.11 9.82
C ALA A 524 -23.09 2.72 10.12
N HIS A 525 -22.67 2.17 11.25
CA HIS A 525 -23.09 0.82 11.63
C HIS A 525 -24.60 0.78 11.89
N GLY A 526 -25.26 -0.19 11.27
CA GLY A 526 -26.69 -0.34 11.43
C GLY A 526 -27.54 0.61 10.60
N ASP A 527 -26.97 1.26 9.59
CA ASP A 527 -27.70 2.20 8.76
C ASP A 527 -28.42 1.54 7.59
N GLU A 528 -28.31 0.23 7.45
CA GLU A 528 -29.07 -0.50 6.43
C GLU A 528 -30.40 -1.02 6.94
N LEU A 529 -30.65 -0.93 8.25
CA LEU A 529 -31.91 -1.43 8.80
C LEU A 529 -33.14 -0.69 8.33
N PRO A 530 -33.16 0.66 8.24
CA PRO A 530 -34.37 1.32 7.73
C PRO A 530 -34.76 0.87 6.33
N TYR A 531 -33.80 0.58 5.46
CA TYR A 531 -34.12 0.25 4.08
C TYR A 531 -34.66 -1.17 3.94
N VAL A 532 -34.12 -2.12 4.69
CA VAL A 532 -34.57 -3.51 4.57
C VAL A 532 -35.99 -3.65 5.11
N PHE A 533 -36.37 -2.84 6.08
CA PHE A 533 -37.71 -2.91 6.67
C PHE A 533 -38.69 -1.93 6.01
N GLY A 534 -38.25 -1.20 5.00
CA GLY A 534 -39.14 -0.28 4.30
C GLY A 534 -39.64 0.88 5.13
N VAL A 535 -38.81 1.42 6.01
CA VAL A 535 -39.20 2.61 6.78
C VAL A 535 -39.49 3.80 5.87
N PRO A 536 -38.64 4.15 4.89
CA PRO A 536 -38.99 5.30 4.03
C PRO A 536 -40.28 5.11 3.25
N MET A 537 -40.68 3.88 2.95
CA MET A 537 -41.93 3.64 2.25
C MET A 537 -43.15 3.95 3.11
N VAL A 538 -42.98 4.14 4.41
CA VAL A 538 -44.09 4.45 5.30
C VAL A 538 -43.93 5.80 6.00
N GLY A 539 -42.74 6.40 6.00
CA GLY A 539 -42.55 7.67 6.66
C GLY A 539 -41.58 7.58 7.83
N ALA A 540 -40.96 8.71 8.18
CA ALA A 540 -40.01 8.74 9.28
C ALA A 540 -40.72 8.41 10.59
N THR A 541 -40.08 7.56 11.39
CA THR A 541 -40.62 7.13 12.68
C THR A 541 -39.82 7.75 13.81
N ASP A 542 -40.16 7.36 15.04
CA ASP A 542 -39.47 7.88 16.22
C ASP A 542 -38.01 7.44 16.23
N LEU A 543 -37.75 6.16 15.88
CA LEU A 543 -36.38 5.67 15.85
C LEU A 543 -35.58 6.29 14.70
N PHE A 544 -36.22 6.50 13.56
CA PHE A 544 -35.57 7.04 12.36
C PHE A 544 -36.26 8.34 12.00
N PRO A 545 -35.77 9.49 12.48
CA PRO A 545 -36.35 10.79 12.12
C PRO A 545 -35.79 11.42 10.87
N CYS A 546 -35.00 10.70 10.08
CA CYS A 546 -34.41 11.26 8.87
C CYS A 546 -35.49 11.62 7.86
N ASN A 547 -35.21 12.63 7.05
CA ASN A 547 -36.11 13.06 5.98
C ASN A 547 -35.78 12.25 4.74
N PHE A 548 -36.59 11.23 4.46
CA PHE A 548 -36.30 10.33 3.35
C PHE A 548 -36.80 10.93 2.04
N SER A 549 -35.89 11.06 1.07
CA SER A 549 -36.19 11.68 -0.21
C SER A 549 -36.77 10.63 -1.15
N LYS A 550 -36.88 10.98 -2.44
CA LYS A 550 -37.38 10.04 -3.42
C LYS A 550 -36.36 8.97 -3.75
N ASN A 551 -35.07 9.29 -3.66
CA ASN A 551 -34.04 8.29 -3.90
C ASN A 551 -34.05 7.22 -2.81
N ASP A 552 -34.27 7.61 -1.56
CA ASP A 552 -34.30 6.65 -0.47
C ASP A 552 -35.46 5.67 -0.62
N VAL A 553 -36.61 6.16 -1.06
CA VAL A 553 -37.74 5.27 -1.32
C VAL A 553 -37.39 4.29 -2.43
N MET A 554 -36.73 4.77 -3.49
CA MET A 554 -36.32 3.89 -4.58
C MET A 554 -35.32 2.84 -4.10
N LEU A 555 -34.37 3.25 -3.25
CA LEU A 555 -33.36 2.31 -2.78
C LEU A 555 -33.97 1.26 -1.85
N SER A 556 -34.94 1.66 -1.02
CA SER A 556 -35.55 0.72 -0.10
C SER A 556 -36.31 -0.37 -0.85
N ALA A 557 -37.00 0.00 -1.94
CA ALA A 557 -37.72 -1.00 -2.72
C ALA A 557 -36.75 -2.01 -3.33
N VAL A 558 -35.57 -1.55 -3.76
CA VAL A 558 -34.60 -2.45 -4.36
C VAL A 558 -34.00 -3.38 -3.31
N VAL A 559 -33.62 -2.83 -2.15
CA VAL A 559 -33.02 -3.66 -1.11
C VAL A 559 -34.01 -4.70 -0.61
N MET A 560 -35.26 -4.31 -0.41
CA MET A 560 -36.28 -5.27 0.00
C MET A 560 -36.59 -6.30 -1.08
N THR A 561 -36.30 -5.98 -2.35
CA THR A 561 -36.47 -6.97 -3.40
C THR A 561 -35.36 -8.02 -3.36
N TYR A 562 -34.11 -7.59 -3.15
CA TYR A 562 -33.00 -8.54 -3.07
C TYR A 562 -33.16 -9.46 -1.88
N TRP A 563 -33.52 -8.91 -0.72
CA TRP A 563 -33.72 -9.72 0.47
C TRP A 563 -34.88 -10.70 0.30
N THR A 564 -35.99 -10.21 -0.27
CA THR A 564 -37.14 -11.07 -0.51
C THR A 564 -36.82 -12.17 -1.52
N ASN A 565 -36.12 -11.82 -2.61
CA ASN A 565 -35.78 -12.82 -3.62
C ASN A 565 -34.89 -13.90 -3.05
N PHE A 566 -33.93 -13.52 -2.20
CA PHE A 566 -33.06 -14.51 -1.58
C PHE A 566 -33.86 -15.44 -0.68
N ALA A 567 -34.80 -14.90 0.09
CA ALA A 567 -35.61 -15.71 0.97
C ALA A 567 -36.62 -16.59 0.23
N LYS A 568 -36.83 -16.33 -1.07
CA LYS A 568 -37.75 -17.13 -1.86
C LYS A 568 -37.08 -18.33 -2.50
N THR A 569 -35.95 -18.12 -3.18
CA THR A 569 -35.27 -19.20 -3.88
C THR A 569 -33.77 -19.26 -3.66
N GLY A 570 -33.17 -18.26 -3.02
CA GLY A 570 -31.75 -18.26 -2.75
C GLY A 570 -30.91 -17.47 -3.74
N ASP A 571 -31.48 -17.06 -4.86
CA ASP A 571 -30.76 -16.25 -5.84
C ASP A 571 -31.37 -14.86 -5.90
N PRO A 572 -30.66 -13.82 -5.44
CA PRO A 572 -31.26 -12.48 -5.38
C PRO A 572 -31.60 -11.86 -6.73
N ASN A 573 -31.46 -12.58 -7.84
CA ASN A 573 -31.69 -12.01 -9.16
C ASN A 573 -32.88 -12.60 -9.91
N GLN A 574 -33.13 -13.89 -9.75
CA GLN A 574 -34.05 -14.60 -10.63
C GLN A 574 -35.54 -14.35 -10.36
N PRO A 575 -36.06 -14.64 -9.16
CA PRO A 575 -37.53 -14.78 -9.03
C PRO A 575 -38.33 -13.55 -9.38
N VAL A 576 -37.84 -12.35 -9.05
CA VAL A 576 -38.58 -11.11 -9.27
C VAL A 576 -37.70 -10.14 -10.04
N PRO A 577 -38.13 -9.66 -11.21
CA PRO A 577 -37.34 -8.65 -11.93
C PRO A 577 -37.32 -7.33 -11.18
N GLN A 578 -36.24 -6.59 -11.37
CA GLN A 578 -36.08 -5.29 -10.72
C GLN A 578 -36.86 -4.21 -11.44
N ARG A 589 -30.30 2.19 -12.23
CA ARG A 589 -29.36 1.36 -12.97
C ARG A 589 -29.40 -0.08 -12.50
N PHE A 590 -30.29 -0.35 -11.54
CA PHE A 590 -30.46 -1.69 -10.98
C PHE A 590 -31.03 -2.70 -11.97
N GLU A 591 -31.59 -2.24 -13.10
CA GLU A 591 -32.26 -3.16 -14.01
C GLU A 591 -31.26 -4.12 -14.66
N GLU A 592 -30.14 -3.61 -15.15
CA GLU A 592 -29.17 -4.42 -15.87
C GLU A 592 -28.10 -5.03 -14.96
N VAL A 593 -28.18 -4.80 -13.65
CA VAL A 593 -27.16 -5.28 -12.72
C VAL A 593 -27.52 -6.69 -12.27
N VAL A 594 -26.56 -7.61 -12.38
CA VAL A 594 -26.72 -8.99 -11.95
C VAL A 594 -25.74 -9.27 -10.82
N TRP A 595 -26.21 -9.98 -9.81
CA TRP A 595 -25.41 -10.27 -8.62
C TRP A 595 -24.73 -11.64 -8.79
N SER A 596 -23.41 -11.66 -8.65
CA SER A 596 -22.62 -12.86 -8.86
C SER A 596 -22.12 -13.43 -7.54
N LYS A 597 -21.96 -14.74 -7.49
CA LYS A 597 -21.54 -15.41 -6.28
C LYS A 597 -20.14 -14.99 -5.88
N PHE A 598 -19.84 -15.13 -4.58
CA PHE A 598 -18.55 -14.75 -4.02
C PHE A 598 -17.64 -15.97 -4.03
N ASN A 599 -16.79 -16.08 -5.05
CA ASN A 599 -15.80 -17.14 -5.12
C ASN A 599 -14.53 -16.72 -4.38
N SER A 600 -13.75 -17.71 -3.97
CA SER A 600 -12.56 -17.44 -3.18
C SER A 600 -11.43 -16.82 -4.01
N LYS A 601 -11.46 -17.00 -5.33
CA LYS A 601 -10.45 -16.42 -6.21
C LYS A 601 -11.01 -15.35 -7.14
N GLU A 602 -12.33 -15.22 -7.21
CA GLU A 602 -13.04 -14.27 -8.06
C GLU A 602 -14.00 -13.44 -7.22
N LYS A 603 -13.47 -12.81 -6.17
CA LYS A 603 -14.29 -12.33 -5.07
C LYS A 603 -15.18 -11.16 -5.46
N GLN A 604 -16.17 -11.43 -6.31
CA GLN A 604 -17.10 -10.42 -6.76
C GLN A 604 -18.16 -10.13 -5.70
N TYR A 605 -18.66 -8.90 -5.70
CA TYR A 605 -19.72 -8.48 -4.80
C TYR A 605 -20.60 -7.47 -5.52
N LEU A 606 -21.48 -6.81 -4.78
CA LEU A 606 -22.38 -5.81 -5.33
C LEU A 606 -22.19 -4.48 -4.60
N HIS A 607 -22.15 -3.41 -5.39
CA HIS A 607 -21.94 -2.06 -4.87
C HIS A 607 -23.30 -1.38 -4.75
N ILE A 608 -24.03 -1.74 -3.68
CA ILE A 608 -25.37 -1.20 -3.49
C ILE A 608 -25.28 0.27 -3.11
N GLY A 609 -26.04 1.10 -3.82
CA GLY A 609 -26.01 2.53 -3.56
C GLY A 609 -26.77 3.27 -4.65
N LEU A 610 -26.41 4.53 -4.83
CA LEU A 610 -27.05 5.33 -5.88
C LEU A 610 -26.54 4.93 -7.26
N LYS A 611 -25.32 4.44 -7.36
CA LYS A 611 -24.71 4.02 -8.64
C LYS A 611 -24.26 2.58 -8.49
N PRO A 612 -25.15 1.61 -8.72
CA PRO A 612 -24.78 0.20 -8.54
C PRO A 612 -23.73 -0.26 -9.55
N ARG A 613 -22.86 -1.14 -9.07
CA ARG A 613 -21.84 -1.76 -9.90
C ARG A 613 -21.48 -3.10 -9.30
N VAL A 614 -20.92 -3.98 -10.13
CA VAL A 614 -20.44 -5.27 -9.65
C VAL A 614 -18.92 -5.26 -9.66
N ARG A 615 -18.32 -4.94 -8.53
CA ARG A 615 -16.88 -4.78 -8.44
C ARG A 615 -16.21 -6.15 -8.34
N ASP A 616 -14.92 -6.18 -8.04
CA ASP A 616 -14.16 -7.42 -8.12
C ASP A 616 -13.35 -7.71 -6.85
N ASN A 617 -12.92 -6.66 -6.16
CA ASN A 617 -12.10 -6.85 -4.95
C ASN A 617 -12.33 -5.65 -4.03
N TYR A 618 -13.04 -5.88 -2.93
CA TYR A 618 -13.31 -4.81 -1.98
C TYR A 618 -12.13 -4.70 -1.03
N ARG A 619 -11.42 -3.58 -1.09
CA ARG A 619 -10.33 -3.26 -0.18
C ARG A 619 -9.32 -4.40 -0.13
N ALA A 620 -8.90 -4.85 -1.32
CA ALA A 620 -8.05 -6.03 -1.42
C ALA A 620 -6.72 -5.83 -0.71
N ASN A 621 -6.13 -4.64 -0.84
CA ASN A 621 -4.86 -4.39 -0.20
C ASN A 621 -4.98 -4.39 1.32
N LYS A 622 -6.01 -3.73 1.85
CA LYS A 622 -6.15 -3.61 3.29
C LYS A 622 -6.63 -4.92 3.92
N VAL A 623 -7.55 -5.62 3.25
CA VAL A 623 -8.05 -6.89 3.78
C VAL A 623 -6.91 -7.91 3.84
N ALA A 624 -6.12 -8.01 2.77
CA ALA A 624 -5.01 -8.95 2.75
C ALA A 624 -3.91 -8.58 3.73
N PHE A 625 -3.89 -7.33 4.21
CA PHE A 625 -2.93 -6.94 5.24
C PHE A 625 -3.26 -7.61 6.57
N TRP A 626 -4.54 -7.58 6.97
CA TRP A 626 -4.94 -8.14 8.25
C TRP A 626 -4.94 -9.66 8.23
N LEU A 627 -5.31 -10.26 7.11
CA LEU A 627 -5.48 -11.71 7.05
C LEU A 627 -4.17 -12.45 6.85
N GLU A 628 -3.18 -11.82 6.22
CA GLU A 628 -1.95 -12.51 5.84
C GLU A 628 -0.71 -11.96 6.50
N LEU A 629 -0.47 -10.65 6.44
CA LEU A 629 0.76 -10.11 6.99
C LEU A 629 0.74 -10.07 8.50
N VAL A 630 -0.39 -9.65 9.09
CA VAL A 630 -0.43 -9.44 10.55
C VAL A 630 -0.09 -10.71 11.33
N PRO A 631 -0.59 -11.91 10.98
CA PRO A 631 -0.15 -13.10 11.73
C PRO A 631 1.34 -13.33 11.68
N HIS A 632 2.03 -12.86 10.64
CA HIS A 632 3.48 -13.00 10.57
C HIS A 632 4.23 -11.98 11.42
N LEU A 633 3.55 -10.95 11.91
CA LEU A 633 4.20 -9.93 12.73
C LEU A 633 4.12 -10.28 14.21
N PHE B 83 41.19 24.74 -40.04
CA PHE B 83 42.09 24.34 -38.97
C PHE B 83 42.46 25.52 -38.07
N PRO B 84 41.50 25.99 -37.28
CA PRO B 84 41.78 27.14 -36.40
C PRO B 84 42.82 26.81 -35.34
N VAL B 85 43.58 27.82 -34.96
CA VAL B 85 44.61 27.71 -33.94
C VAL B 85 44.23 28.63 -32.79
N VAL B 86 44.14 28.07 -31.58
CA VAL B 86 43.78 28.82 -30.38
C VAL B 86 44.91 28.68 -29.38
N ASN B 87 45.45 29.80 -28.92
CA ASN B 87 46.58 29.80 -28.00
C ASN B 87 46.07 29.65 -26.57
N THR B 88 46.48 28.57 -25.91
CA THR B 88 46.12 28.33 -24.51
C THR B 88 47.25 28.81 -23.61
N ALA B 89 47.15 28.50 -22.32
CA ALA B 89 48.16 28.88 -21.34
C ALA B 89 49.31 27.90 -21.27
N TYR B 90 49.26 26.80 -22.02
CA TYR B 90 50.34 25.81 -22.05
C TYR B 90 50.91 25.63 -23.44
N GLY B 91 50.52 26.46 -24.40
CA GLY B 91 50.96 26.36 -25.76
C GLY B 91 49.82 26.68 -26.70
N ARG B 92 49.92 26.18 -27.93
CA ARG B 92 48.89 26.38 -28.94
C ARG B 92 48.46 25.05 -29.50
N VAL B 93 47.18 24.97 -29.89
CA VAL B 93 46.60 23.75 -30.44
C VAL B 93 45.94 24.10 -31.78
N ARG B 94 45.57 23.05 -32.51
CA ARG B 94 44.90 23.21 -33.80
C ARG B 94 43.75 22.22 -33.90
N GLY B 95 42.57 22.72 -34.24
CA GLY B 95 41.39 21.91 -34.36
C GLY B 95 40.98 21.68 -35.80
N VAL B 96 39.69 21.36 -35.98
CA VAL B 96 39.09 21.15 -37.28
C VAL B 96 37.74 21.85 -37.32
N ARG B 97 37.11 21.84 -38.49
CA ARG B 97 35.83 22.51 -38.70
C ARG B 97 34.82 21.54 -39.32
N ARG B 98 34.71 20.36 -38.72
CA ARG B 98 33.80 19.35 -39.24
C ARG B 98 32.36 19.83 -39.17
N GLU B 99 31.58 19.48 -40.20
CA GLU B 99 30.20 19.92 -40.33
C GLU B 99 29.25 18.75 -40.08
N LEU B 100 28.12 19.04 -39.44
CA LEU B 100 27.17 18.00 -39.09
C LEU B 100 26.23 17.71 -40.26
N ASN B 101 25.56 16.56 -40.18
CA ASN B 101 24.74 16.06 -41.27
C ASN B 101 23.38 16.76 -41.39
N ASN B 102 23.02 17.58 -40.42
CA ASN B 102 21.73 18.27 -40.47
C ASN B 102 21.88 19.64 -41.13
N GLU B 103 20.73 20.23 -41.44
CA GLU B 103 20.69 21.57 -42.01
C GLU B 103 20.38 22.65 -40.99
N ILE B 104 19.72 22.29 -39.87
CA ILE B 104 19.42 23.26 -38.83
C ILE B 104 20.54 23.42 -37.82
N LEU B 105 21.69 22.78 -38.05
CA LEU B 105 22.83 22.84 -37.14
C LEU B 105 24.02 23.42 -37.87
N GLY B 106 24.70 24.37 -37.22
CA GLY B 106 25.88 24.97 -37.79
C GLY B 106 27.11 24.12 -37.57
N PRO B 107 28.20 24.51 -38.20
CA PRO B 107 29.47 23.78 -38.02
C PRO B 107 30.04 23.99 -36.64
N VAL B 108 30.87 23.04 -36.22
CA VAL B 108 31.52 23.07 -34.92
C VAL B 108 33.02 22.92 -35.10
N VAL B 109 33.76 23.33 -34.08
CA VAL B 109 35.22 23.23 -34.06
C VAL B 109 35.60 22.27 -32.93
N GLN B 110 36.34 21.23 -33.27
CA GLN B 110 36.67 20.17 -32.32
C GLN B 110 38.16 20.18 -32.02
N PHE B 111 38.49 20.22 -30.73
CA PHE B 111 39.86 20.10 -30.25
C PHE B 111 39.95 18.79 -29.47
N LEU B 112 40.24 17.70 -30.19
CA LEU B 112 40.29 16.37 -29.59
C LEU B 112 41.73 16.06 -29.18
N GLY B 113 41.93 15.75 -27.91
CA GLY B 113 43.24 15.38 -27.43
C GLY B 113 44.04 16.53 -26.87
N VAL B 114 43.47 17.28 -25.93
CA VAL B 114 44.15 18.37 -25.26
C VAL B 114 44.58 17.88 -23.88
N PRO B 115 45.88 17.73 -23.61
CA PRO B 115 46.31 17.20 -22.31
C PRO B 115 45.92 18.14 -21.17
N TYR B 116 45.65 17.55 -20.01
CA TYR B 116 45.37 18.31 -18.81
C TYR B 116 46.11 17.80 -17.59
N ALA B 117 47.02 16.84 -17.76
CA ALA B 117 47.83 16.34 -16.65
C ALA B 117 49.01 15.57 -17.21
N THR B 118 50.12 15.60 -16.49
CA THR B 118 51.29 14.80 -16.88
C THR B 118 50.95 13.33 -16.74
N PRO B 119 51.29 12.50 -17.73
CA PRO B 119 50.90 11.09 -17.68
C PRO B 119 51.48 10.39 -16.48
N PRO B 120 50.70 9.54 -15.80
CA PRO B 120 51.21 8.76 -14.67
C PRO B 120 51.87 7.47 -15.10
N LEU B 121 52.80 7.57 -16.05
CA LEU B 121 53.40 6.37 -16.66
C LEU B 121 54.30 5.64 -15.67
N GLY B 122 55.11 6.38 -14.91
CA GLY B 122 56.11 5.75 -14.06
C GLY B 122 55.82 5.84 -12.58
N ALA B 123 56.63 6.61 -11.86
CA ALA B 123 56.48 6.74 -10.41
C ALA B 123 55.25 7.54 -10.01
N ARG B 124 54.58 8.18 -10.97
CA ARG B 124 53.38 8.95 -10.67
C ARG B 124 52.16 8.07 -10.42
N ARG B 125 52.27 6.76 -10.63
CA ARG B 125 51.15 5.87 -10.36
C ARG B 125 50.79 5.92 -8.88
N PHE B 126 49.47 5.84 -8.60
CA PHE B 126 48.95 5.92 -7.24
C PHE B 126 49.38 7.23 -6.56
N GLN B 127 49.42 8.30 -7.34
CA GLN B 127 49.71 9.64 -6.85
C GLN B 127 48.75 10.61 -7.51
N PRO B 128 48.42 11.71 -6.83
CA PRO B 128 47.51 12.69 -7.43
C PRO B 128 48.13 13.33 -8.67
N PRO B 129 47.31 13.75 -9.62
CA PRO B 129 47.85 14.37 -10.85
C PRO B 129 48.39 15.77 -10.57
N GLU B 130 49.08 16.31 -11.58
CA GLU B 130 49.66 17.64 -11.51
C GLU B 130 49.46 18.35 -12.84
N ALA B 131 49.92 19.59 -12.90
CA ALA B 131 49.73 20.40 -14.09
C ALA B 131 50.53 19.86 -15.27
N PRO B 132 50.09 20.10 -16.50
CA PRO B 132 50.81 19.60 -17.67
C PRO B 132 52.11 20.37 -17.89
N ALA B 133 52.90 19.85 -18.81
CA ALA B 133 54.14 20.49 -19.22
C ALA B 133 53.92 21.28 -20.51
N SER B 134 54.39 22.52 -20.54
CA SER B 134 54.21 23.35 -21.72
C SER B 134 55.00 22.81 -22.89
N TRP B 135 54.42 22.93 -24.09
CA TRP B 135 55.07 22.43 -25.29
C TRP B 135 55.37 23.57 -26.25
N PRO B 136 56.51 23.55 -26.92
CA PRO B 136 56.82 24.60 -27.88
C PRO B 136 56.16 24.36 -29.22
N GLY B 137 55.92 25.46 -29.94
CA GLY B 137 55.30 25.34 -31.24
C GLY B 137 53.80 25.10 -31.16
N VAL B 138 53.27 24.42 -32.17
CA VAL B 138 51.84 24.15 -32.31
C VAL B 138 51.64 22.64 -32.25
N ARG B 139 50.62 22.22 -31.51
CA ARG B 139 50.36 20.80 -31.31
C ARG B 139 49.17 20.35 -32.14
N ASN B 140 49.29 19.19 -32.78
CA ASN B 140 48.17 18.48 -33.37
C ASN B 140 47.12 18.18 -32.30
N ALA B 141 45.87 18.55 -32.56
CA ALA B 141 44.73 18.05 -31.80
C ALA B 141 43.62 17.73 -32.79
N THR B 142 43.68 16.54 -33.38
CA THR B 142 42.66 16.12 -34.34
C THR B 142 42.19 14.70 -34.10
N THR B 143 43.08 13.85 -33.61
CA THR B 143 42.81 12.42 -33.46
C THR B 143 42.37 12.12 -32.03
N LEU B 144 41.37 11.26 -31.90
CA LEU B 144 40.85 10.93 -30.58
C LEU B 144 41.94 10.33 -29.71
N PRO B 145 41.99 10.66 -28.43
CA PRO B 145 43.10 10.24 -27.58
C PRO B 145 42.95 8.79 -27.15
N PRO B 146 44.04 8.16 -26.71
CA PRO B 146 43.94 6.79 -26.19
C PRO B 146 43.16 6.74 -24.88
N ALA B 147 42.54 5.59 -24.64
CA ALA B 147 41.75 5.38 -23.44
C ALA B 147 42.61 4.78 -22.33
N CYS B 148 42.17 5.00 -21.09
CA CYS B 148 42.86 4.44 -19.94
C CYS B 148 42.73 2.92 -19.94
N PRO B 149 43.67 2.19 -19.35
CA PRO B 149 43.63 0.73 -19.40
C PRO B 149 42.36 0.17 -18.78
N GLN B 150 41.81 -0.85 -19.43
CA GLN B 150 40.58 -1.49 -18.99
C GLN B 150 40.45 -2.83 -19.69
N ASN B 151 39.60 -3.69 -19.15
CA ASN B 151 39.36 -5.02 -19.70
C ASN B 151 37.86 -5.16 -19.93
N LEU B 152 37.43 -4.98 -21.18
CA LEU B 152 36.01 -4.99 -21.51
C LEU B 152 35.47 -6.40 -21.71
N HIS B 153 36.32 -7.42 -21.74
CA HIS B 153 35.89 -8.81 -21.89
C HIS B 153 36.14 -9.63 -20.63
N GLY B 154 36.21 -8.96 -19.48
CA GLY B 154 36.39 -9.59 -18.20
C GLY B 154 35.09 -9.74 -17.43
N ALA B 155 35.21 -9.78 -16.11
CA ALA B 155 34.06 -9.92 -15.23
C ALA B 155 33.72 -8.55 -14.66
N LEU B 156 32.97 -7.78 -15.43
CA LEU B 156 32.50 -6.47 -14.98
C LEU B 156 31.13 -6.59 -14.34
N PRO B 157 30.79 -5.71 -13.39
CA PRO B 157 29.45 -5.76 -12.79
C PRO B 157 28.38 -5.46 -13.84
N ALA B 158 27.59 -6.48 -14.17
CA ALA B 158 26.67 -6.35 -15.30
C ALA B 158 25.50 -5.43 -14.98
N ILE B 159 25.04 -5.43 -13.73
CA ILE B 159 23.84 -4.69 -13.39
C ILE B 159 24.08 -3.18 -13.48
N MET B 160 25.27 -2.73 -13.08
CA MET B 160 25.55 -1.30 -13.06
C MET B 160 25.62 -0.71 -14.47
N LEU B 161 26.09 -1.49 -15.44
CA LEU B 161 26.30 -0.96 -16.78
C LEU B 161 24.97 -0.60 -17.44
N PRO B 162 24.96 0.37 -18.33
CA PRO B 162 23.75 0.68 -19.09
C PRO B 162 23.43 -0.45 -20.06
N VAL B 163 22.15 -0.49 -20.46
CA VAL B 163 21.70 -1.57 -21.34
C VAL B 163 22.39 -1.52 -22.69
N TRP B 164 22.56 -0.32 -23.25
CA TRP B 164 23.19 -0.21 -24.56
C TRP B 164 24.67 -0.57 -24.53
N PHE B 165 25.31 -0.49 -23.36
CA PHE B 165 26.70 -0.92 -23.25
C PHE B 165 26.81 -2.44 -23.28
N THR B 166 25.92 -3.12 -22.55
CA THR B 166 25.99 -4.58 -22.49
C THR B 166 25.50 -5.22 -23.79
N ASP B 167 24.42 -4.68 -24.36
CA ASP B 167 23.87 -5.27 -25.59
C ASP B 167 24.86 -5.14 -26.75
N ASN B 168 25.36 -3.93 -26.99
CA ASN B 168 26.34 -3.69 -28.04
C ASN B 168 27.75 -3.66 -27.45
N LEU B 169 28.17 -4.80 -26.91
CA LEU B 169 29.49 -4.88 -26.28
C LEU B 169 30.59 -4.88 -27.32
N GLU B 170 30.39 -5.60 -28.44
CA GLU B 170 31.41 -5.65 -29.47
C GLU B 170 31.61 -4.30 -30.14
N ALA B 171 30.51 -3.57 -30.38
CA ALA B 171 30.63 -2.24 -30.95
C ALA B 171 31.31 -1.28 -29.98
N ALA B 172 31.01 -1.41 -28.68
CA ALA B 172 31.64 -0.55 -27.69
C ALA B 172 33.10 -0.90 -27.45
N ALA B 173 33.52 -2.14 -27.77
CA ALA B 173 34.90 -2.52 -27.56
C ALA B 173 35.83 -1.95 -28.60
N THR B 174 35.31 -1.47 -29.73
CA THR B 174 36.17 -0.88 -30.75
C THR B 174 36.77 0.43 -30.30
N TYR B 175 36.02 1.22 -29.52
CA TYR B 175 36.53 2.51 -29.05
C TYR B 175 37.74 2.30 -28.14
N VAL B 176 37.67 1.35 -27.22
CA VAL B 176 38.77 1.10 -26.28
C VAL B 176 39.64 0.02 -26.91
N GLN B 177 40.53 0.47 -27.80
CA GLN B 177 41.51 -0.41 -28.44
C GLN B 177 42.93 0.07 -28.26
N ASN B 178 43.16 1.37 -28.25
CA ASN B 178 44.50 1.93 -28.04
C ASN B 178 44.74 2.23 -26.56
N GLN B 179 44.50 1.23 -25.71
CA GLN B 179 44.66 1.43 -24.28
C GLN B 179 46.12 1.73 -23.94
N SER B 180 46.33 2.74 -23.11
CA SER B 180 47.66 3.10 -22.65
C SER B 180 47.53 3.95 -21.41
N GLU B 181 48.57 3.94 -20.58
CA GLU B 181 48.59 4.79 -19.41
C GLU B 181 48.74 6.28 -19.78
N ASP B 182 49.05 6.58 -21.04
CA ASP B 182 49.11 7.97 -21.48
C ASP B 182 47.70 8.46 -21.83
N CYS B 183 46.76 8.22 -20.94
CA CYS B 183 45.42 8.78 -21.02
C CYS B 183 45.41 10.09 -20.23
N LEU B 184 44.23 10.56 -19.82
CA LEU B 184 44.04 11.88 -19.20
C LEU B 184 44.20 12.98 -20.24
N TYR B 185 43.44 12.87 -21.33
CA TYR B 185 43.31 13.91 -22.34
C TYR B 185 41.92 14.53 -22.24
N LEU B 186 41.63 15.44 -23.16
CA LEU B 186 40.41 16.23 -23.10
C LEU B 186 39.90 16.46 -24.52
N ASN B 187 38.58 16.40 -24.69
CA ASN B 187 37.95 16.60 -25.99
C ASN B 187 37.03 17.81 -25.90
N LEU B 188 37.23 18.78 -26.79
CA LEU B 188 36.45 20.01 -26.79
C LEU B 188 35.63 20.09 -28.08
N TYR B 189 34.37 20.50 -27.95
CA TYR B 189 33.47 20.65 -29.09
C TYR B 189 32.90 22.07 -29.04
N VAL B 190 33.63 23.01 -29.63
CA VAL B 190 33.25 24.43 -29.62
C VAL B 190 32.39 24.73 -30.85
N PRO B 191 31.22 25.32 -30.69
CA PRO B 191 30.37 25.65 -31.83
C PRO B 191 30.77 27.00 -32.43
N THR B 192 30.13 27.34 -33.54
CA THR B 192 30.37 28.60 -34.21
C THR B 192 29.06 29.16 -34.79
N GLY B 200 27.71 37.35 -25.15
CA GLY B 200 28.29 36.81 -23.94
C GLY B 200 29.05 35.52 -24.16
N LYS B 201 29.94 35.19 -23.23
CA LYS B 201 30.72 33.96 -23.34
C LYS B 201 29.82 32.74 -23.21
N LYS B 202 30.13 31.71 -23.98
CA LYS B 202 29.31 30.51 -24.02
C LYS B 202 29.48 29.69 -22.74
N PRO B 203 28.48 28.88 -22.39
CA PRO B 203 28.61 27.99 -21.23
C PRO B 203 29.48 26.78 -21.54
N VAL B 204 29.83 26.05 -20.48
CA VAL B 204 30.64 24.86 -20.57
C VAL B 204 29.88 23.71 -19.91
N MET B 205 29.95 22.53 -20.52
CA MET B 205 29.24 21.35 -20.02
C MET B 205 30.20 20.16 -20.00
N LEU B 206 30.83 19.91 -18.85
CA LEU B 206 31.72 18.77 -18.70
C LEU B 206 30.92 17.50 -18.44
N PHE B 207 31.26 16.43 -19.13
CA PHE B 207 30.55 15.16 -19.03
C PHE B 207 31.45 14.12 -18.38
N LEU B 208 30.98 13.55 -17.27
CA LEU B 208 31.70 12.50 -16.55
C LEU B 208 31.11 11.16 -16.95
N HIS B 209 31.85 10.42 -17.78
CA HIS B 209 31.35 9.17 -18.34
C HIS B 209 31.47 8.04 -17.32
N GLY B 210 31.14 6.83 -17.76
CA GLY B 210 31.30 5.65 -16.93
C GLY B 210 30.00 5.08 -16.41
N GLY B 211 29.68 3.84 -16.79
CA GLY B 211 28.54 3.16 -16.22
C GLY B 211 28.95 2.46 -14.94
N SER B 212 30.13 1.87 -14.93
CA SER B 212 30.78 1.35 -13.75
C SER B 212 32.06 2.14 -13.51
N TYR B 213 32.85 1.71 -12.54
CA TYR B 213 34.09 2.40 -12.18
C TYR B 213 35.32 1.80 -12.85
N MET B 214 35.15 0.83 -13.75
CA MET B 214 36.30 0.19 -14.38
C MET B 214 36.07 -0.08 -15.86
N GLU B 215 35.33 0.78 -16.54
CA GLU B 215 35.03 0.55 -17.95
C GLU B 215 34.67 1.87 -18.62
N GLY B 216 34.55 1.82 -19.94
CA GLY B 216 34.09 2.96 -20.71
C GLY B 216 35.20 3.90 -21.11
N THR B 217 34.86 4.84 -21.98
CA THR B 217 35.76 5.91 -22.38
C THR B 217 34.94 7.10 -22.85
N GLY B 218 35.56 8.27 -22.85
CA GLY B 218 34.87 9.49 -23.22
C GLY B 218 34.76 9.75 -24.70
N ASN B 219 35.34 8.89 -25.53
CA ASN B 219 35.26 9.06 -26.98
C ASN B 219 33.95 8.58 -27.58
N MET B 220 33.16 7.82 -26.82
CA MET B 220 31.92 7.27 -27.35
C MET B 220 30.86 8.36 -27.59
N PHE B 221 30.95 9.49 -26.90
CA PHE B 221 29.91 10.51 -26.90
C PHE B 221 30.38 11.69 -27.74
N ASP B 222 29.77 11.83 -28.92
CA ASP B 222 30.07 12.94 -29.82
C ASP B 222 29.13 14.09 -29.47
N GLY B 223 29.65 15.08 -28.77
CA GLY B 223 28.83 16.18 -28.30
C GLY B 223 28.74 17.34 -29.27
N SER B 224 29.09 17.09 -30.53
CA SER B 224 29.02 18.13 -31.53
C SER B 224 27.58 18.59 -31.77
N VAL B 225 26.63 17.64 -31.77
CA VAL B 225 25.23 17.99 -31.98
C VAL B 225 24.70 18.79 -30.80
N LEU B 226 24.99 18.37 -29.58
CA LEU B 226 24.53 19.10 -28.40
C LEU B 226 25.15 20.50 -28.35
N ALA B 227 26.43 20.61 -28.68
CA ALA B 227 27.10 21.91 -28.64
C ALA B 227 26.53 22.86 -29.68
N ALA B 228 26.26 22.37 -30.88
CA ALA B 228 25.77 23.25 -31.94
C ALA B 228 24.33 23.67 -31.70
N TYR B 229 23.50 22.76 -31.21
CA TYR B 229 22.09 23.07 -31.00
C TYR B 229 21.90 24.05 -29.85
N GLY B 230 22.56 23.79 -28.72
CA GLY B 230 22.42 24.62 -27.54
C GLY B 230 23.41 25.74 -27.40
N ASN B 231 24.33 25.89 -28.36
CA ASN B 231 25.35 26.94 -28.32
C ASN B 231 26.16 26.90 -27.03
N VAL B 232 26.51 25.69 -26.59
CA VAL B 232 27.37 25.48 -25.44
C VAL B 232 28.65 24.81 -25.90
N ILE B 233 29.58 24.64 -24.98
CA ILE B 233 30.87 24.02 -25.24
C ILE B 233 30.90 22.70 -24.48
N VAL B 234 30.52 21.62 -25.16
CA VAL B 234 30.52 20.30 -24.53
C VAL B 234 31.95 19.77 -24.53
N VAL B 235 32.40 19.30 -23.37
CA VAL B 235 33.74 18.77 -23.20
C VAL B 235 33.66 17.43 -22.48
N THR B 236 34.28 16.41 -23.07
CA THR B 236 34.34 15.07 -22.49
C THR B 236 35.80 14.70 -22.25
N LEU B 237 36.03 13.92 -21.19
CA LEU B 237 37.37 13.64 -20.72
C LEU B 237 37.55 12.15 -20.47
N ASN B 238 38.82 11.76 -20.32
CA ASN B 238 39.19 10.41 -19.91
C ASN B 238 39.92 10.50 -18.58
N TYR B 239 39.51 9.67 -17.62
CA TYR B 239 40.16 9.63 -16.31
C TYR B 239 40.50 8.18 -15.98
N ARG B 240 41.44 8.02 -15.05
CA ARG B 240 41.91 6.69 -14.69
C ARG B 240 40.77 5.85 -14.14
N LEU B 241 40.78 4.56 -14.45
CA LEU B 241 39.69 3.66 -14.13
C LEU B 241 40.22 2.38 -13.50
N GLY B 242 39.39 1.76 -12.67
CA GLY B 242 39.72 0.45 -12.14
C GLY B 242 40.80 0.51 -11.09
N VAL B 243 41.72 -0.45 -11.17
CA VAL B 243 42.78 -0.56 -10.17
C VAL B 243 43.70 0.65 -10.22
N LEU B 244 44.08 1.08 -11.43
CA LEU B 244 45.08 2.14 -11.57
C LEU B 244 44.62 3.45 -10.95
N GLY B 245 43.32 3.71 -10.96
CA GLY B 245 42.82 4.99 -10.51
C GLY B 245 41.96 4.96 -9.26
N PHE B 246 41.75 3.77 -8.69
CA PHE B 246 40.89 3.67 -7.51
C PHE B 246 41.40 2.70 -6.46
N LEU B 247 42.61 2.15 -6.62
CA LEU B 247 43.14 1.24 -5.62
C LEU B 247 43.51 2.00 -4.35
N SER B 248 43.14 1.45 -3.21
CA SER B 248 43.44 2.08 -1.92
C SER B 248 43.62 0.99 -0.87
N THR B 249 44.40 1.32 0.16
CA THR B 249 44.65 0.41 1.27
C THR B 249 44.11 0.91 2.60
N GLY B 250 43.67 2.16 2.68
CA GLY B 250 43.14 2.71 3.92
C GLY B 250 44.12 3.56 4.70
N ASP B 251 45.40 3.55 4.33
CA ASP B 251 46.43 4.32 5.01
C ASP B 251 47.04 5.33 4.04
N GLN B 252 48.09 6.01 4.49
CA GLN B 252 48.73 7.05 3.69
C GLN B 252 49.51 6.50 2.50
N ALA B 253 49.79 5.20 2.48
CA ALA B 253 50.53 4.62 1.36
C ALA B 253 49.75 4.75 0.06
N ALA B 254 48.44 4.47 0.10
CA ALA B 254 47.59 4.58 -1.07
C ALA B 254 46.21 5.05 -0.59
N LYS B 255 45.98 6.37 -0.67
CA LYS B 255 44.73 6.92 -0.17
C LYS B 255 43.55 6.51 -1.04
N GLY B 256 43.71 6.54 -2.35
CA GLY B 256 42.62 6.24 -3.26
C GLY B 256 42.03 7.49 -3.88
N ASN B 257 40.89 7.28 -4.55
CA ASN B 257 40.16 8.35 -5.22
C ASN B 257 41.01 9.07 -6.27
N TYR B 258 41.91 8.34 -6.93
CA TYR B 258 42.73 8.96 -7.96
C TYR B 258 41.91 9.31 -9.19
N GLY B 259 40.85 8.55 -9.47
CA GLY B 259 39.96 8.91 -10.56
C GLY B 259 39.20 10.19 -10.28
N LEU B 260 38.83 10.42 -9.01
CA LEU B 260 38.13 11.65 -8.66
C LEU B 260 39.04 12.86 -8.75
N LEU B 261 40.31 12.70 -8.37
CA LEU B 261 41.26 13.81 -8.47
C LEU B 261 41.52 14.19 -9.92
N ASP B 262 41.47 13.22 -10.84
CA ASP B 262 41.62 13.53 -12.25
C ASP B 262 40.46 14.37 -12.76
N GLN B 263 39.23 14.06 -12.33
CA GLN B 263 38.08 14.86 -12.72
C GLN B 263 38.20 16.29 -12.21
N ILE B 264 38.68 16.46 -10.98
CA ILE B 264 38.86 17.80 -10.43
C ILE B 264 39.96 18.55 -11.19
N GLN B 265 41.02 17.85 -11.57
CA GLN B 265 42.09 18.49 -12.33
C GLN B 265 41.59 18.98 -13.68
N ALA B 266 40.75 18.19 -14.35
CA ALA B 266 40.17 18.65 -15.61
C ALA B 266 39.23 19.83 -15.40
N LEU B 267 38.64 19.96 -14.21
CA LEU B 267 37.83 21.12 -13.91
C LEU B 267 38.71 22.35 -13.66
N ARG B 268 39.84 22.16 -12.98
CA ARG B 268 40.77 23.25 -12.76
C ARG B 268 41.37 23.75 -14.07
N TRP B 269 41.71 22.83 -14.97
CA TRP B 269 42.21 23.22 -16.28
C TRP B 269 41.16 24.03 -17.04
N LEU B 270 39.90 23.61 -16.96
CA LEU B 270 38.83 24.34 -17.63
C LEU B 270 38.63 25.71 -17.01
N SER B 271 38.77 25.82 -15.69
CA SER B 271 38.58 27.10 -15.01
C SER B 271 39.68 28.10 -15.35
N GLU B 272 40.76 27.66 -15.98
CA GLU B 272 41.89 28.52 -16.27
C GLU B 272 42.19 28.67 -17.76
N ASN B 273 41.53 27.92 -18.63
CA ASN B 273 41.89 27.92 -20.04
C ASN B 273 40.72 27.94 -21.00
N ILE B 274 39.47 28.03 -20.51
CA ILE B 274 38.33 27.98 -21.43
C ILE B 274 38.01 29.36 -22.00
N ALA B 275 38.55 30.43 -21.43
CA ALA B 275 38.26 31.77 -21.93
C ALA B 275 38.76 31.95 -23.36
N HIS B 276 39.90 31.34 -23.71
CA HIS B 276 40.43 31.48 -25.06
C HIS B 276 39.49 30.87 -26.10
N PHE B 277 38.91 29.72 -25.79
CA PHE B 277 38.01 29.05 -26.73
C PHE B 277 36.66 29.75 -26.83
N GLY B 278 36.37 30.72 -25.98
CA GLY B 278 35.13 31.45 -26.02
C GLY B 278 34.16 31.14 -24.90
N GLY B 279 34.48 30.19 -24.02
CA GLY B 279 33.57 29.84 -22.94
C GLY B 279 33.64 30.80 -21.77
N ASP B 280 32.71 30.60 -20.84
CA ASP B 280 32.63 31.40 -19.62
C ASP B 280 33.05 30.56 -18.44
N PRO B 281 34.13 30.90 -17.74
CA PRO B 281 34.56 30.10 -16.58
C PRO B 281 33.62 30.18 -15.39
N GLU B 282 32.64 31.08 -15.40
CA GLU B 282 31.71 31.24 -14.30
C GLU B 282 30.39 30.53 -14.52
N ARG B 283 30.22 29.82 -15.63
CA ARG B 283 28.99 29.10 -15.94
C ARG B 283 29.30 27.68 -16.37
N ILE B 284 30.16 27.00 -15.60
CA ILE B 284 30.58 25.64 -15.91
C ILE B 284 29.58 24.67 -15.31
N THR B 285 28.95 23.88 -16.17
CA THR B 285 27.99 22.86 -15.75
C THR B 285 28.64 21.48 -15.86
N ILE B 286 28.33 20.61 -14.91
CA ILE B 286 28.85 19.25 -14.87
C ILE B 286 27.68 18.29 -14.87
N PHE B 287 27.78 17.23 -15.67
CA PHE B 287 26.70 16.27 -15.76
C PHE B 287 27.24 14.89 -16.12
N GLY B 288 26.44 13.87 -15.82
CA GLY B 288 26.84 12.51 -16.10
C GLY B 288 25.67 11.56 -15.91
N SER B 289 25.97 10.28 -16.00
CA SER B 289 24.95 9.25 -15.85
C SER B 289 25.59 7.98 -15.30
N GLY B 290 24.81 7.23 -14.54
CA GLY B 290 25.33 6.00 -13.97
C GLY B 290 26.38 6.29 -12.92
N ALA B 291 27.52 5.60 -13.02
CA ALA B 291 28.62 5.81 -12.09
C ALA B 291 29.24 7.20 -12.25
N GLY B 292 29.06 7.84 -13.40
CA GLY B 292 29.46 9.22 -13.53
C GLY B 292 28.62 10.15 -12.68
N ALA B 293 27.32 9.84 -12.55
CA ALA B 293 26.43 10.66 -11.74
C ALA B 293 26.79 10.57 -10.26
N SER B 294 27.23 9.40 -9.80
CA SER B 294 27.70 9.29 -8.43
C SER B 294 28.98 10.09 -8.22
N CYS B 295 29.79 10.24 -9.27
CA CYS B 295 30.97 11.11 -9.18
C CYS B 295 30.58 12.57 -9.11
N VAL B 296 29.46 12.95 -9.74
CA VAL B 296 28.97 14.32 -9.62
C VAL B 296 28.59 14.63 -8.19
N ASN B 297 27.88 13.70 -7.54
CA ASN B 297 27.44 13.94 -6.17
C ASN B 297 28.59 13.86 -5.18
N LEU B 298 29.60 13.02 -5.45
CA LEU B 298 30.77 12.99 -4.58
C LEU B 298 31.65 14.20 -4.79
N LEU B 299 31.58 14.84 -5.97
CA LEU B 299 32.32 16.07 -6.21
C LEU B 299 31.65 17.25 -5.52
N ILE B 300 30.33 17.20 -5.34
CA ILE B 300 29.63 18.29 -4.68
C ILE B 300 29.97 18.32 -3.19
N LEU B 301 29.99 17.16 -2.55
CA LEU B 301 30.33 17.05 -1.13
C LEU B 301 31.84 16.94 -0.92
N SER B 302 32.58 17.88 -1.48
CA SER B 302 34.04 17.88 -1.37
C SER B 302 34.54 19.30 -1.23
N HIS B 303 35.70 19.44 -0.60
CA HIS B 303 36.33 20.75 -0.44
C HIS B 303 37.30 21.08 -1.55
N HIS B 304 37.84 20.08 -2.24
CA HIS B 304 38.76 20.35 -3.34
C HIS B 304 38.06 21.07 -4.47
N SER B 305 36.83 20.68 -4.78
CA SER B 305 36.03 21.36 -5.81
C SER B 305 35.23 22.49 -5.15
N GLU B 306 35.97 23.49 -4.68
CA GLU B 306 35.36 24.59 -3.95
C GLU B 306 34.70 25.59 -4.89
N GLY B 307 35.48 26.21 -5.77
CA GLY B 307 34.95 27.23 -6.66
C GLY B 307 35.22 26.95 -8.12
N LEU B 308 35.11 25.69 -8.52
CA LEU B 308 35.42 25.30 -9.89
C LEU B 308 34.19 25.41 -10.79
N PHE B 309 33.10 24.75 -10.42
CA PHE B 309 31.86 24.75 -11.19
C PHE B 309 30.74 25.37 -10.36
N GLN B 310 29.60 25.57 -11.02
CA GLN B 310 28.45 26.22 -10.41
C GLN B 310 27.23 25.33 -10.32
N LYS B 311 26.88 24.65 -11.41
CA LYS B 311 25.68 23.82 -11.46
C LYS B 311 26.07 22.35 -11.61
N ALA B 312 25.07 21.48 -11.51
CA ALA B 312 25.31 20.05 -11.58
C ALA B 312 24.05 19.35 -12.06
N ILE B 313 24.25 18.23 -12.76
CA ILE B 313 23.17 17.36 -13.20
C ILE B 313 23.54 15.93 -12.85
N ALA B 314 22.61 15.19 -12.25
CA ALA B 314 22.83 13.80 -11.88
C ALA B 314 21.68 12.98 -12.46
N GLN B 315 21.95 12.25 -13.53
CA GLN B 315 20.94 11.46 -14.24
C GLN B 315 21.07 10.01 -13.80
N SER B 316 20.05 9.52 -13.10
CA SER B 316 19.94 8.11 -12.71
C SER B 316 21.18 7.65 -11.95
N GLY B 317 21.54 8.41 -10.92
CA GLY B 317 22.67 8.06 -10.09
C GLY B 317 22.73 8.94 -8.86
N THR B 318 23.43 8.44 -7.85
CA THR B 318 23.56 9.15 -6.59
C THR B 318 24.74 8.57 -5.81
N ALA B 319 25.07 9.23 -4.70
CA ALA B 319 26.21 8.85 -3.88
C ALA B 319 25.82 8.09 -2.62
N ILE B 320 24.56 7.67 -2.50
CA ILE B 320 24.12 6.90 -1.35
C ILE B 320 23.56 5.54 -1.75
N SER B 321 23.86 5.09 -2.97
CA SER B 321 23.48 3.76 -3.38
C SER B 321 24.43 2.73 -2.76
N SER B 322 24.07 1.45 -2.90
CA SER B 322 24.91 0.39 -2.36
C SER B 322 26.24 0.31 -3.11
N TRP B 323 26.22 0.53 -4.41
CA TRP B 323 27.40 0.43 -5.27
C TRP B 323 27.99 1.80 -5.59
N SER B 324 27.97 2.73 -4.64
CA SER B 324 28.51 4.07 -4.85
C SER B 324 29.92 4.23 -4.31
N VAL B 325 30.16 3.86 -3.05
CA VAL B 325 31.47 3.97 -2.42
C VAL B 325 31.89 2.60 -1.92
N ASN B 326 33.19 2.46 -1.70
CA ASN B 326 33.78 1.19 -1.26
C ASN B 326 34.15 1.31 0.22
N TYR B 327 33.58 0.44 1.04
CA TYR B 327 33.80 0.46 2.48
C TYR B 327 34.73 -0.63 2.96
N GLN B 328 35.25 -1.47 2.05
CA GLN B 328 36.22 -2.51 2.39
C GLN B 328 37.39 -2.40 1.43
N PRO B 329 38.17 -1.32 1.52
CA PRO B 329 39.26 -1.13 0.54
C PRO B 329 40.44 -2.05 0.77
N LEU B 330 40.82 -2.27 2.03
CA LEU B 330 42.01 -3.08 2.30
C LEU B 330 41.78 -4.54 1.93
N LYS B 331 40.56 -5.04 2.12
CA LYS B 331 40.29 -6.44 1.84
C LYS B 331 40.50 -6.76 0.36
N TYR B 332 39.97 -5.93 -0.53
CA TYR B 332 40.07 -6.22 -1.95
C TYR B 332 41.47 -5.96 -2.49
N THR B 333 42.21 -5.05 -1.85
CA THR B 333 43.60 -4.85 -2.25
C THR B 333 44.44 -6.10 -1.98
N ARG B 334 44.22 -6.74 -0.83
CA ARG B 334 45.00 -7.92 -0.48
C ARG B 334 44.73 -9.08 -1.43
N LEU B 335 43.47 -9.25 -1.85
CA LEU B 335 43.18 -10.25 -2.87
C LEU B 335 43.89 -9.94 -4.17
N LEU B 336 43.93 -8.67 -4.56
CA LEU B 336 44.67 -8.28 -5.76
C LEU B 336 46.16 -8.53 -5.60
N ALA B 337 46.71 -8.17 -4.44
CA ALA B 337 48.14 -8.35 -4.21
C ALA B 337 48.54 -9.82 -4.26
N ALA B 338 47.67 -10.70 -3.74
CA ALA B 338 47.97 -12.12 -3.78
C ALA B 338 47.95 -12.66 -5.20
N LYS B 339 47.08 -12.12 -6.06
CA LYS B 339 46.95 -12.66 -7.41
C LYS B 339 48.12 -12.24 -8.30
N VAL B 340 48.60 -11.00 -8.17
CA VAL B 340 49.74 -10.59 -8.99
C VAL B 340 51.00 -11.32 -8.58
N GLY B 341 51.18 -11.56 -7.27
CA GLY B 341 52.31 -12.34 -6.81
C GLY B 341 52.95 -11.83 -5.53
N CYS B 342 52.81 -10.55 -5.23
CA CYS B 342 53.46 -9.94 -4.08
C CYS B 342 52.39 -9.44 -3.11
N ASP B 343 51.96 -10.32 -2.21
CA ASP B 343 51.06 -9.95 -1.12
C ASP B 343 51.87 -9.72 0.15
N ARG B 344 52.69 -8.67 0.11
CA ARG B 344 53.54 -8.35 1.23
C ARG B 344 52.73 -7.88 2.43
N GLU B 345 53.22 -8.23 3.63
CA GLU B 345 52.54 -7.80 4.85
C GLU B 345 52.57 -6.29 5.00
N ASP B 346 53.70 -5.66 4.69
CA ASP B 346 53.81 -4.21 4.80
C ASP B 346 53.02 -3.55 3.68
N SER B 347 52.19 -2.57 4.04
CA SER B 347 51.38 -1.87 3.06
C SER B 347 52.26 -1.11 2.07
N THR B 348 53.30 -0.43 2.55
CA THR B 348 54.19 0.31 1.67
C THR B 348 54.94 -0.63 0.73
N GLU B 349 55.38 -1.79 1.23
CA GLU B 349 56.08 -2.74 0.39
C GLU B 349 55.18 -3.26 -0.72
N ALA B 350 53.93 -3.55 -0.40
CA ALA B 350 53.00 -4.07 -1.41
C ALA B 350 52.74 -3.03 -2.50
N VAL B 351 52.57 -1.76 -2.11
CA VAL B 351 52.31 -0.71 -3.08
C VAL B 351 53.48 -0.54 -4.02
N GLU B 352 54.70 -0.58 -3.49
CA GLU B 352 55.89 -0.41 -4.34
C GLU B 352 56.00 -1.53 -5.36
N CYS B 353 55.67 -2.76 -4.96
CA CYS B 353 55.70 -3.86 -5.92
C CYS B 353 54.68 -3.66 -7.03
N LEU B 354 53.48 -3.17 -6.67
CA LEU B 354 52.46 -2.91 -7.68
C LEU B 354 52.90 -1.86 -8.67
N ARG B 355 53.76 -0.93 -8.25
CA ARG B 355 54.30 0.06 -9.17
C ARG B 355 55.31 -0.56 -10.13
N ARG B 356 55.95 -1.65 -9.72
CA ARG B 356 56.91 -2.33 -10.59
C ARG B 356 56.22 -3.14 -11.68
N LYS B 357 55.03 -3.65 -11.41
CA LYS B 357 54.33 -4.50 -12.37
C LYS B 357 53.79 -3.69 -13.53
N SER B 358 53.47 -4.39 -14.62
CA SER B 358 52.94 -3.74 -15.81
C SER B 358 51.46 -3.42 -15.63
N SER B 359 50.94 -2.60 -16.53
CA SER B 359 49.53 -2.20 -16.45
C SER B 359 48.61 -3.35 -16.82
N ARG B 360 48.93 -4.07 -17.90
CA ARG B 360 48.04 -5.12 -18.38
C ARG B 360 47.93 -6.27 -17.38
N GLU B 361 48.97 -6.51 -16.59
CA GLU B 361 48.90 -7.54 -15.56
C GLU B 361 47.90 -7.18 -14.48
N LEU B 362 47.86 -5.90 -14.09
CA LEU B 362 46.96 -5.48 -13.02
C LEU B 362 45.51 -5.47 -13.50
N VAL B 363 45.27 -5.08 -14.75
CA VAL B 363 43.91 -4.92 -15.23
C VAL B 363 43.22 -6.27 -15.37
N ASP B 364 43.95 -7.30 -15.80
CA ASP B 364 43.36 -8.59 -16.13
C ASP B 364 43.38 -9.57 -14.96
N GLN B 365 43.29 -9.09 -13.72
CA GLN B 365 43.39 -9.99 -12.58
C GLN B 365 42.07 -10.67 -12.23
N ASP B 366 40.94 -10.12 -12.67
CA ASP B 366 39.62 -10.71 -12.48
C ASP B 366 39.32 -10.92 -10.99
N VAL B 367 39.20 -9.80 -10.30
CA VAL B 367 38.80 -9.77 -8.89
C VAL B 367 37.34 -9.37 -8.83
N GLN B 368 36.51 -10.23 -8.24
CA GLN B 368 35.07 -10.05 -8.24
C GLN B 368 34.57 -9.67 -6.85
N PRO B 369 33.76 -8.62 -6.72
CA PRO B 369 33.27 -8.20 -5.41
C PRO B 369 32.02 -8.95 -4.98
N ALA B 370 31.46 -8.56 -3.84
CA ALA B 370 30.17 -9.09 -3.42
C ALA B 370 29.06 -8.54 -4.31
N ARG B 371 27.92 -9.22 -4.30
CA ARG B 371 26.80 -8.80 -5.13
C ARG B 371 26.29 -7.43 -4.70
N TYR B 372 25.87 -6.63 -5.67
CA TYR B 372 25.34 -5.29 -5.46
C TYR B 372 26.33 -4.35 -4.80
N HIS B 373 27.62 -4.66 -4.87
CA HIS B 373 28.68 -3.80 -4.35
C HIS B 373 29.73 -3.59 -5.46
N ILE B 374 30.79 -2.87 -5.10
CA ILE B 374 31.90 -2.64 -6.03
C ILE B 374 33.19 -3.08 -5.35
N ALA B 375 34.17 -3.47 -6.17
CA ALA B 375 35.48 -3.86 -5.66
C ALA B 375 36.44 -2.67 -5.61
N PHE B 376 36.56 -1.94 -6.71
CA PHE B 376 37.42 -0.77 -6.79
C PHE B 376 36.57 0.44 -7.15
N GLY B 377 36.60 1.45 -6.30
CA GLY B 377 35.83 2.65 -6.49
C GLY B 377 36.20 3.72 -5.49
N PRO B 378 35.37 4.75 -5.36
CA PRO B 378 35.67 5.82 -4.41
C PRO B 378 35.75 5.31 -2.99
N VAL B 379 36.81 5.70 -2.29
CA VAL B 379 37.11 5.23 -0.94
C VAL B 379 37.19 6.43 -0.01
N VAL B 380 36.55 6.33 1.15
CA VAL B 380 36.61 7.40 2.14
C VAL B 380 38.03 7.47 2.71
N ASP B 381 38.67 8.60 2.54
CA ASP B 381 40.06 8.79 2.95
C ASP B 381 40.26 10.01 3.83
N GLY B 382 39.49 11.07 3.62
CA GLY B 382 39.61 12.30 4.38
C GLY B 382 39.88 13.53 3.55
N ASP B 383 40.41 13.38 2.33
CA ASP B 383 40.70 14.53 1.48
C ASP B 383 39.55 14.82 0.52
N VAL B 384 39.20 13.84 -0.33
CA VAL B 384 38.12 14.04 -1.29
C VAL B 384 36.77 13.83 -0.62
N VAL B 385 36.55 12.64 -0.08
CA VAL B 385 35.35 12.34 0.70
C VAL B 385 35.75 12.21 2.16
N PRO B 386 35.51 13.24 2.98
CA PRO B 386 36.06 13.25 4.35
C PRO B 386 35.62 12.10 5.22
N ASP B 387 34.31 11.98 5.48
CA ASP B 387 33.81 10.95 6.40
C ASP B 387 32.87 9.96 5.73
N ASP B 388 31.78 10.43 5.13
CA ASP B 388 30.75 9.55 4.60
C ASP B 388 29.77 10.37 3.78
N PRO B 389 29.37 9.91 2.59
CA PRO B 389 28.37 10.66 1.83
C PRO B 389 27.04 10.80 2.55
N GLU B 390 26.63 9.78 3.32
CA GLU B 390 25.38 9.87 4.05
C GLU B 390 25.44 10.90 5.16
N ILE B 391 26.53 10.90 5.93
CA ILE B 391 26.69 11.87 7.01
C ILE B 391 26.88 13.27 6.46
N LEU B 392 27.58 13.40 5.33
CA LEU B 392 27.95 14.72 4.82
C LEU B 392 26.72 15.55 4.47
N MET B 393 25.74 14.97 3.80
CA MET B 393 24.57 15.75 3.40
C MET B 393 23.68 16.05 4.59
N GLN B 394 23.65 15.17 5.59
CA GLN B 394 22.82 15.39 6.77
C GLN B 394 23.37 16.49 7.66
N GLN B 395 24.68 16.75 7.60
CA GLN B 395 25.29 17.80 8.39
C GLN B 395 25.33 19.15 7.67
N GLY B 396 24.87 19.20 6.43
CA GLY B 396 24.86 20.45 5.67
C GLY B 396 26.22 21.02 5.36
N GLU B 397 27.14 20.18 4.91
CA GLU B 397 28.50 20.60 4.57
C GLU B 397 28.69 20.46 3.06
N PHE B 398 28.27 21.49 2.33
CA PHE B 398 28.52 21.60 0.89
C PHE B 398 28.19 23.02 0.47
N LEU B 399 28.67 23.39 -0.72
CA LEU B 399 28.68 24.78 -1.16
C LEU B 399 27.37 25.23 -1.81
N ASN B 400 26.30 24.45 -1.69
CA ASN B 400 24.96 24.86 -2.12
C ASN B 400 24.90 25.15 -3.63
N TYR B 401 25.16 24.12 -4.42
CA TYR B 401 25.05 24.20 -5.86
C TYR B 401 23.61 23.95 -6.32
N ASP B 402 23.33 24.32 -7.56
CA ASP B 402 22.07 23.94 -8.18
C ASP B 402 22.15 22.49 -8.64
N MET B 403 20.98 21.88 -8.84
CA MET B 403 20.93 20.45 -9.13
C MET B 403 19.78 20.17 -10.09
N LEU B 404 19.88 19.02 -10.77
CA LEU B 404 18.83 18.52 -11.66
C LEU B 404 18.90 17.00 -11.62
N ILE B 405 18.12 16.39 -10.74
CA ILE B 405 18.15 14.96 -10.51
C ILE B 405 17.01 14.32 -11.29
N GLY B 406 17.14 13.03 -11.56
CA GLY B 406 16.07 12.30 -12.20
C GLY B 406 16.38 10.82 -12.24
N VAL B 407 15.36 10.05 -12.61
CA VAL B 407 15.46 8.60 -12.74
C VAL B 407 14.68 8.20 -13.99
N ASN B 408 14.73 6.91 -14.31
CA ASN B 408 13.97 6.34 -15.41
C ASN B 408 12.79 5.54 -14.88
N GLN B 409 11.98 5.03 -15.80
CA GLN B 409 10.79 4.28 -15.39
C GLN B 409 11.18 2.92 -14.82
N GLY B 410 11.78 2.07 -15.64
CA GLY B 410 12.25 0.78 -15.17
C GLY B 410 13.74 0.61 -15.43
N GLU B 411 14.53 0.58 -14.35
CA GLU B 411 15.97 0.45 -14.48
C GLU B 411 16.51 -0.90 -14.02
N GLY B 412 15.74 -1.65 -13.24
CA GLY B 412 16.17 -2.97 -12.84
C GLY B 412 15.86 -4.02 -13.88
N LEU B 413 16.00 -3.67 -15.17
CA LEU B 413 15.71 -4.61 -16.24
C LEU B 413 16.65 -5.80 -16.20
N LYS B 414 17.85 -5.63 -15.66
CA LYS B 414 18.77 -6.74 -15.49
C LYS B 414 18.51 -7.52 -14.21
N PHE B 415 17.67 -7.00 -13.30
CA PHE B 415 17.29 -7.77 -12.13
C PHE B 415 16.42 -8.95 -12.52
N VAL B 416 15.55 -8.77 -13.52
CA VAL B 416 14.77 -9.88 -14.05
C VAL B 416 15.29 -10.24 -15.45
N GLU B 417 16.13 -11.27 -15.50
CA GLU B 417 16.75 -11.73 -16.74
C GLU B 417 16.56 -13.21 -16.99
N ASP B 418 16.65 -14.04 -15.95
CA ASP B 418 16.42 -15.47 -16.12
C ASP B 418 14.99 -15.74 -16.58
N SER B 419 14.03 -15.06 -15.98
CA SER B 419 12.63 -15.18 -16.37
C SER B 419 12.24 -14.07 -17.34
N ALA B 420 12.99 -14.00 -18.45
CA ALA B 420 12.73 -13.02 -19.50
C ALA B 420 12.23 -13.63 -20.79
N GLU B 421 12.41 -14.93 -20.98
CA GLU B 421 11.92 -15.63 -22.17
C GLU B 421 10.84 -16.64 -21.82
N SER B 422 10.17 -16.45 -20.69
CA SER B 422 9.11 -17.32 -20.24
C SER B 422 7.77 -16.84 -20.79
N GLU B 423 6.86 -17.80 -21.02
CA GLU B 423 5.56 -17.45 -21.58
C GLU B 423 4.74 -16.60 -20.62
N ASP B 424 4.75 -16.95 -19.33
CA ASP B 424 3.94 -16.25 -18.33
C ASP B 424 4.84 -15.91 -17.13
N GLY B 425 5.51 -14.77 -17.20
CA GLY B 425 6.22 -14.18 -16.09
C GLY B 425 7.08 -15.11 -15.25
N VAL B 426 7.16 -14.83 -13.95
CA VAL B 426 7.93 -15.61 -12.99
C VAL B 426 6.96 -16.22 -11.99
N SER B 427 7.11 -17.52 -11.75
CA SER B 427 6.21 -18.24 -10.87
C SER B 427 6.38 -17.81 -9.42
N ALA B 428 5.34 -18.06 -8.62
CA ALA B 428 5.39 -17.72 -7.20
C ALA B 428 6.44 -18.52 -6.45
N SER B 429 6.87 -19.65 -6.99
CA SER B 429 7.95 -20.41 -6.35
C SER B 429 9.27 -19.62 -6.40
N ALA B 430 9.53 -18.94 -7.52
CA ALA B 430 10.76 -18.19 -7.69
C ALA B 430 10.64 -16.73 -7.24
N PHE B 431 9.42 -16.19 -7.18
CA PHE B 431 9.25 -14.83 -6.68
C PHE B 431 9.71 -14.72 -5.23
N ASP B 432 9.31 -15.67 -4.40
CA ASP B 432 9.74 -15.66 -3.01
C ASP B 432 11.25 -15.88 -2.88
N PHE B 433 11.79 -16.78 -3.70
CA PHE B 433 13.23 -17.03 -3.66
C PHE B 433 14.02 -15.82 -4.13
N THR B 434 13.56 -15.14 -5.18
CA THR B 434 14.24 -13.95 -5.66
C THR B 434 14.21 -12.83 -4.64
N VAL B 435 13.05 -12.63 -4.00
CA VAL B 435 12.95 -11.61 -2.96
C VAL B 435 13.79 -12.00 -1.75
N SER B 436 13.83 -13.29 -1.41
CA SER B 436 14.62 -13.74 -0.27
C SER B 436 16.10 -13.47 -0.50
N ASN B 437 16.61 -13.81 -1.68
CA ASN B 437 18.02 -13.56 -1.98
C ASN B 437 18.34 -12.07 -1.98
N PHE B 438 17.37 -11.22 -2.30
CA PHE B 438 17.59 -9.77 -2.32
C PHE B 438 17.90 -9.23 -0.93
N VAL B 439 17.60 -9.97 0.13
CA VAL B 439 17.75 -9.48 1.49
C VAL B 439 19.06 -9.96 2.13
N ASP B 440 19.53 -11.16 1.81
CA ASP B 440 20.76 -11.65 2.43
C ASP B 440 21.96 -10.81 1.99
N ASN B 441 22.11 -10.60 0.68
CA ASN B 441 23.30 -9.95 0.15
C ASN B 441 23.17 -8.43 0.11
N LEU B 442 22.05 -7.88 0.56
CA LEU B 442 21.88 -6.44 0.63
C LEU B 442 21.64 -5.94 2.05
N TYR B 443 20.76 -6.58 2.82
CA TYR B 443 20.58 -6.27 4.23
C TYR B 443 21.30 -7.28 5.12
N GLY B 444 20.92 -8.55 5.04
CA GLY B 444 21.63 -9.61 5.73
C GLY B 444 21.74 -9.44 7.23
N TYR B 445 20.86 -8.67 7.84
CA TYR B 445 20.98 -8.37 9.26
C TYR B 445 20.40 -9.51 10.09
N PRO B 446 21.17 -10.12 10.99
CA PRO B 446 20.64 -11.19 11.85
C PRO B 446 19.80 -10.70 13.02
N GLU B 447 19.48 -9.41 13.07
CA GLU B 447 18.70 -8.83 14.17
C GLU B 447 17.21 -8.77 13.86
N GLY B 448 16.70 -9.74 13.10
CA GLY B 448 15.32 -9.73 12.66
C GLY B 448 15.22 -9.55 11.16
N LYS B 449 15.01 -10.65 10.45
CA LYS B 449 15.01 -10.65 9.00
C LYS B 449 13.73 -11.27 8.46
N ASP B 450 13.14 -12.19 9.22
CA ASP B 450 11.91 -12.84 8.79
C ASP B 450 10.78 -11.82 8.66
N VAL B 451 10.72 -10.84 9.57
CA VAL B 451 9.71 -9.80 9.46
C VAL B 451 10.00 -8.90 8.26
N LEU B 452 11.27 -8.57 8.04
CA LEU B 452 11.63 -7.74 6.89
C LEU B 452 11.33 -8.45 5.57
N ARG B 453 11.66 -9.73 5.50
CA ARG B 453 11.41 -10.49 4.27
C ARG B 453 9.92 -10.58 3.97
N GLU B 454 9.11 -10.79 5.01
CA GLU B 454 7.67 -10.93 4.81
C GLU B 454 7.00 -9.60 4.52
N THR B 455 7.57 -8.50 5.03
CA THR B 455 6.95 -7.19 4.81
C THR B 455 7.07 -6.75 3.36
N ILE B 456 8.24 -6.96 2.75
CA ILE B 456 8.42 -6.51 1.36
C ILE B 456 7.82 -7.50 0.37
N LYS B 457 7.62 -8.76 0.76
CA LYS B 457 6.84 -9.67 -0.07
C LYS B 457 5.39 -9.21 -0.17
N PHE B 458 4.82 -8.78 0.95
CA PHE B 458 3.43 -8.32 0.95
C PHE B 458 3.27 -7.03 0.16
N MET B 459 4.21 -6.10 0.31
CA MET B 459 4.03 -4.78 -0.30
C MET B 459 4.20 -4.81 -1.81
N TYR B 460 5.23 -5.49 -2.30
CA TYR B 460 5.43 -5.61 -3.74
C TYR B 460 4.59 -6.79 -4.25
N THR B 461 3.28 -6.56 -4.22
CA THR B 461 2.29 -7.54 -4.65
C THR B 461 1.09 -6.76 -5.18
N ASP B 462 0.21 -7.46 -5.89
CA ASP B 462 -0.92 -6.86 -6.58
C ASP B 462 -2.22 -7.56 -6.16
N TRP B 463 -2.47 -7.61 -4.85
CA TRP B 463 -3.54 -8.40 -4.25
C TRP B 463 -4.86 -8.35 -5.02
N ALA B 464 -5.11 -7.25 -5.73
CA ALA B 464 -6.28 -7.21 -6.62
C ALA B 464 -6.15 -8.20 -7.77
N ASP B 465 -4.92 -8.54 -8.16
CA ASP B 465 -4.63 -9.49 -9.24
C ASP B 465 -3.55 -10.46 -8.79
N ARG B 466 -3.75 -11.06 -7.62
CA ARG B 466 -2.70 -11.79 -6.93
C ARG B 466 -2.09 -12.90 -7.79
N ASP B 467 -2.92 -13.59 -8.57
CA ASP B 467 -2.47 -14.75 -9.34
C ASP B 467 -2.27 -14.44 -10.81
N ASN B 468 -1.77 -13.23 -11.13
CA ASN B 468 -1.51 -12.89 -12.52
C ASN B 468 -0.30 -13.64 -13.05
N GLY B 469 0.78 -13.70 -12.27
CA GLY B 469 1.98 -14.40 -12.71
C GLY B 469 2.86 -13.68 -13.70
N GLU B 470 2.26 -13.13 -14.76
CA GLU B 470 3.05 -12.42 -15.77
C GLU B 470 3.55 -11.08 -15.25
N MET B 471 2.77 -10.43 -14.38
CA MET B 471 3.13 -9.12 -13.88
C MET B 471 4.00 -9.18 -12.62
N ARG B 472 4.31 -10.38 -12.13
CA ARG B 472 5.30 -10.50 -11.07
C ARG B 472 6.68 -10.04 -11.55
N ARG B 473 6.93 -10.05 -12.86
CA ARG B 473 8.15 -9.45 -13.39
C ARG B 473 8.15 -7.95 -13.17
N LYS B 474 7.06 -7.28 -13.56
CA LYS B 474 6.97 -5.83 -13.38
C LYS B 474 7.09 -5.43 -11.92
N THR B 475 6.62 -6.29 -11.01
CA THR B 475 6.76 -6.02 -9.59
C THR B 475 8.20 -6.22 -9.12
N LEU B 476 8.84 -7.32 -9.55
CA LEU B 476 10.23 -7.55 -9.17
C LEU B 476 11.15 -6.53 -9.82
N LEU B 477 10.84 -6.11 -11.04
CA LEU B 477 11.61 -5.04 -11.68
C LEU B 477 11.49 -3.74 -10.90
N ALA B 478 10.30 -3.44 -10.39
CA ALA B 478 10.09 -2.23 -9.61
C ALA B 478 10.65 -2.32 -8.21
N LEU B 479 10.90 -3.52 -7.70
CA LEU B 479 11.53 -3.65 -6.38
C LEU B 479 12.99 -3.20 -6.43
N PHE B 480 13.71 -3.56 -7.49
CA PHE B 480 15.10 -3.15 -7.62
C PHE B 480 15.22 -1.70 -8.03
N THR B 481 14.31 -1.22 -8.88
CA THR B 481 14.35 0.18 -9.29
C THR B 481 14.05 1.11 -8.11
N ASP B 482 13.04 0.79 -7.32
CA ASP B 482 12.68 1.66 -6.20
C ASP B 482 13.78 1.71 -5.15
N HIS B 483 14.34 0.56 -4.79
CA HIS B 483 15.30 0.52 -3.69
C HIS B 483 16.64 1.14 -4.10
N GLN B 484 17.13 0.79 -5.28
CA GLN B 484 18.49 1.17 -5.66
C GLN B 484 18.56 2.58 -6.24
N TRP B 485 17.57 2.97 -7.03
CA TRP B 485 17.62 4.23 -7.78
C TRP B 485 16.60 5.26 -7.33
N VAL B 486 15.32 4.91 -7.31
CA VAL B 486 14.28 5.92 -7.07
C VAL B 486 14.35 6.46 -5.65
N ALA B 487 14.43 5.57 -4.67
CA ALA B 487 14.45 6.03 -3.28
C ALA B 487 15.66 6.89 -2.95
N PRO B 488 16.90 6.52 -3.30
CA PRO B 488 18.01 7.44 -3.03
C PRO B 488 17.92 8.75 -3.77
N ALA B 489 17.33 8.77 -4.97
CA ALA B 489 17.20 10.02 -5.71
C ALA B 489 16.25 10.98 -5.02
N VAL B 490 15.16 10.47 -4.46
CA VAL B 490 14.22 11.33 -3.73
C VAL B 490 14.85 11.80 -2.42
N ALA B 491 15.58 10.91 -1.74
CA ALA B 491 16.23 11.31 -0.50
C ALA B 491 17.30 12.37 -0.74
N THR B 492 18.05 12.25 -1.84
CA THR B 492 19.04 13.26 -2.18
C THR B 492 18.39 14.58 -2.54
N ALA B 493 17.28 14.54 -3.29
CA ALA B 493 16.60 15.77 -3.68
C ALA B 493 16.04 16.50 -2.47
N LYS B 494 15.50 15.76 -1.50
CA LYS B 494 14.98 16.40 -0.29
C LYS B 494 16.09 17.06 0.51
N LEU B 495 17.22 16.36 0.66
CA LEU B 495 18.32 16.91 1.46
C LEU B 495 18.94 18.13 0.79
N HIS B 496 18.97 18.15 -0.54
CA HIS B 496 19.51 19.30 -1.26
C HIS B 496 18.51 20.43 -1.40
N ALA B 497 17.23 20.20 -1.12
CA ALA B 497 16.22 21.25 -1.13
C ALA B 497 15.91 21.81 0.24
N ASP B 498 16.15 21.05 1.31
CA ASP B 498 15.97 21.58 2.65
C ASP B 498 16.89 22.77 2.89
N TYR B 499 18.18 22.58 2.64
CA TYR B 499 19.12 23.70 2.58
C TYR B 499 18.91 24.38 1.23
N GLN B 500 18.47 25.63 1.26
CA GLN B 500 17.92 26.30 0.08
C GLN B 500 18.87 26.19 -1.11
N SER B 501 18.39 25.49 -2.14
CA SER B 501 19.13 25.24 -3.37
C SER B 501 18.16 24.77 -4.44
N PRO B 502 18.15 25.40 -5.62
CA PRO B 502 17.20 25.00 -6.67
C PRO B 502 17.42 23.57 -7.10
N VAL B 503 16.37 22.76 -7.00
CA VAL B 503 16.42 21.35 -7.35
C VAL B 503 15.27 21.04 -8.29
N TYR B 504 15.57 20.39 -9.40
CA TYR B 504 14.57 20.01 -10.38
C TYR B 504 14.58 18.49 -10.55
N PHE B 505 13.42 17.87 -10.39
CA PHE B 505 13.27 16.43 -10.48
C PHE B 505 12.51 16.07 -11.74
N TYR B 506 12.86 14.93 -12.33
CA TYR B 506 12.18 14.47 -13.54
C TYR B 506 12.19 12.95 -13.57
N THR B 507 11.30 12.40 -14.38
CA THR B 507 11.26 10.96 -14.65
C THR B 507 11.17 10.76 -16.15
N PHE B 508 11.99 9.86 -16.69
CA PHE B 508 12.01 9.59 -18.11
C PHE B 508 11.13 8.39 -18.41
N TYR B 509 10.23 8.54 -19.37
CA TYR B 509 9.22 7.54 -19.69
C TYR B 509 9.21 7.25 -21.19
N HIS B 510 10.38 7.08 -21.79
CA HIS B 510 10.47 6.83 -23.22
C HIS B 510 11.70 6.01 -23.54
N HIS B 511 11.65 5.32 -24.67
CA HIS B 511 12.76 4.52 -25.16
C HIS B 511 12.55 4.30 -26.66
N CYS B 512 13.62 3.85 -27.33
CA CYS B 512 13.55 3.51 -28.74
C CYS B 512 13.35 2.00 -28.89
N GLN B 513 12.63 1.61 -29.93
CA GLN B 513 12.38 0.19 -30.20
C GLN B 513 13.66 -0.45 -30.68
N ALA B 514 14.37 -1.12 -29.77
CA ALA B 514 15.64 -1.76 -30.07
C ALA B 514 15.38 -3.14 -30.66
N GLU B 515 16.45 -3.95 -30.76
CA GLU B 515 16.35 -5.28 -31.36
C GLU B 515 16.05 -6.36 -30.32
N GLY B 516 16.90 -6.49 -29.31
CA GLY B 516 16.82 -7.60 -28.39
C GLY B 516 16.12 -7.31 -27.08
N ARG B 517 15.34 -6.24 -27.02
CA ARG B 517 14.67 -5.94 -25.77
C ARG B 517 13.17 -6.21 -25.86
N PRO B 518 12.56 -6.71 -24.79
CA PRO B 518 11.13 -7.03 -24.83
C PRO B 518 10.27 -5.79 -24.92
N GLU B 519 9.01 -6.00 -25.34
CA GLU B 519 8.09 -4.90 -25.59
C GLU B 519 7.38 -4.41 -24.33
N TRP B 520 7.54 -5.10 -23.18
CA TRP B 520 6.88 -4.67 -21.96
C TRP B 520 7.73 -3.71 -21.13
N ALA B 521 9.05 -3.76 -21.24
CA ALA B 521 9.90 -2.85 -20.50
C ALA B 521 9.81 -1.44 -21.09
N ASP B 522 10.26 -0.46 -20.30
CA ASP B 522 10.21 0.94 -20.72
C ASP B 522 11.32 1.71 -20.02
N ALA B 523 12.15 2.40 -20.81
CA ALA B 523 13.15 3.34 -20.30
C ALA B 523 14.11 2.64 -19.32
N ALA B 524 14.89 1.72 -19.88
CA ALA B 524 15.89 1.00 -19.10
C ALA B 524 16.96 1.96 -18.59
N HIS B 525 17.88 1.44 -17.77
CA HIS B 525 18.93 2.28 -17.22
C HIS B 525 19.86 2.78 -18.32
N GLY B 526 20.19 4.07 -18.25
CA GLY B 526 21.05 4.67 -19.23
C GLY B 526 20.42 4.89 -20.59
N ASP B 527 19.10 4.99 -20.66
CA ASP B 527 18.39 5.20 -21.92
C ASP B 527 18.15 6.67 -22.21
N GLU B 528 18.49 7.57 -21.30
CA GLU B 528 18.34 9.00 -21.54
C GLU B 528 19.51 9.61 -22.31
N LEU B 529 20.63 8.90 -22.40
CA LEU B 529 21.79 9.44 -23.09
C LEU B 529 21.58 9.71 -24.58
N PRO B 530 20.95 8.82 -25.36
CA PRO B 530 20.79 9.13 -26.79
C PRO B 530 20.04 10.42 -27.05
N TYR B 531 19.05 10.75 -26.23
CA TYR B 531 18.26 11.96 -26.45
C TYR B 531 19.00 13.21 -26.02
N VAL B 532 19.75 13.13 -24.91
CA VAL B 532 20.45 14.31 -24.41
C VAL B 532 21.65 14.68 -25.28
N PHE B 533 22.15 13.75 -26.09
CA PHE B 533 23.28 14.02 -26.98
C PHE B 533 22.86 14.13 -28.44
N GLY B 534 21.56 14.17 -28.71
CA GLY B 534 21.07 14.35 -30.06
C GLY B 534 21.40 13.23 -31.03
N VAL B 535 21.38 11.99 -30.55
CA VAL B 535 21.63 10.85 -31.43
C VAL B 535 20.55 10.72 -32.51
N PRO B 536 19.24 10.80 -32.20
CA PRO B 536 18.24 10.66 -33.27
C PRO B 536 18.34 11.73 -34.34
N MET B 537 18.91 12.90 -34.03
CA MET B 537 19.06 13.94 -35.04
C MET B 537 20.26 13.71 -35.94
N VAL B 538 21.12 12.73 -35.63
CA VAL B 538 22.29 12.45 -36.45
C VAL B 538 22.19 11.09 -37.14
N GLY B 539 21.28 10.23 -36.74
CA GLY B 539 21.09 8.93 -37.36
C GLY B 539 21.49 7.80 -36.41
N ALA B 540 21.42 6.59 -36.96
CA ALA B 540 21.79 5.41 -36.20
C ALA B 540 23.29 5.39 -35.92
N THR B 541 23.66 4.83 -34.78
CA THR B 541 25.05 4.78 -34.33
C THR B 541 25.37 3.34 -33.94
N ASP B 542 26.65 2.99 -34.04
CA ASP B 542 27.09 1.63 -33.66
C ASP B 542 26.63 1.28 -32.25
N LEU B 543 26.66 2.25 -31.33
CA LEU B 543 26.20 2.01 -29.98
C LEU B 543 24.68 1.99 -29.88
N PHE B 544 23.99 2.76 -30.72
CA PHE B 544 22.53 2.89 -30.67
C PHE B 544 21.95 2.46 -32.01
N PRO B 545 21.60 1.18 -32.16
CA PRO B 545 21.00 0.74 -33.43
C PRO B 545 19.51 1.00 -33.50
N CYS B 546 19.01 1.88 -32.63
CA CYS B 546 17.59 2.20 -32.62
C CYS B 546 17.18 2.86 -33.93
N ASN B 547 15.96 2.56 -34.37
CA ASN B 547 15.37 3.19 -35.55
C ASN B 547 14.51 4.36 -35.07
N PHE B 548 15.12 5.54 -35.02
CA PHE B 548 14.45 6.72 -34.47
C PHE B 548 13.43 7.26 -35.46
N SER B 549 12.21 7.47 -34.99
CA SER B 549 11.15 8.05 -35.79
C SER B 549 11.13 9.57 -35.60
N LYS B 550 10.08 10.23 -36.10
CA LYS B 550 9.95 11.66 -35.90
C LYS B 550 9.66 12.00 -34.45
N ASN B 551 8.93 11.14 -33.74
CA ASN B 551 8.64 11.38 -32.34
C ASN B 551 9.92 11.38 -31.50
N ASP B 552 10.86 10.48 -31.83
CA ASP B 552 12.13 10.47 -31.12
C ASP B 552 12.95 11.72 -31.41
N VAL B 553 12.81 12.28 -32.60
CA VAL B 553 13.52 13.52 -32.93
C VAL B 553 12.94 14.69 -32.15
N MET B 554 11.61 14.73 -32.01
CA MET B 554 10.98 15.81 -31.25
C MET B 554 11.39 15.78 -29.80
N LEU B 555 11.47 14.59 -29.21
CA LEU B 555 11.83 14.47 -27.80
C LEU B 555 13.28 14.88 -27.55
N SER B 556 14.18 14.54 -28.49
CA SER B 556 15.58 14.93 -28.33
C SER B 556 15.75 16.44 -28.37
N ALA B 557 15.03 17.12 -29.26
CA ALA B 557 15.11 18.57 -29.32
C ALA B 557 14.54 19.23 -28.07
N VAL B 558 13.79 18.48 -27.27
CA VAL B 558 13.22 19.02 -26.03
C VAL B 558 14.14 18.75 -24.85
N VAL B 559 14.66 17.52 -24.75
CA VAL B 559 15.57 17.19 -23.66
C VAL B 559 16.83 18.05 -23.74
N MET B 560 17.37 18.23 -24.95
CA MET B 560 18.54 19.09 -25.11
C MET B 560 18.23 20.52 -24.76
N THR B 561 17.04 21.01 -25.12
CA THR B 561 16.65 22.36 -24.75
C THR B 561 16.53 22.52 -23.25
N TYR B 562 15.91 21.54 -22.58
CA TYR B 562 15.80 21.58 -21.13
C TYR B 562 17.18 21.53 -20.47
N TRP B 563 18.06 20.66 -20.96
CA TRP B 563 19.39 20.54 -20.39
C TRP B 563 20.21 21.80 -20.62
N THR B 564 20.14 22.37 -21.83
CA THR B 564 20.97 23.52 -22.16
C THR B 564 20.52 24.77 -21.40
N ASN B 565 19.21 24.99 -21.30
CA ASN B 565 18.70 26.13 -20.56
C ASN B 565 19.16 26.10 -19.10
N PHE B 566 19.30 24.91 -18.53
CA PHE B 566 19.86 24.80 -17.19
C PHE B 566 21.28 25.30 -17.14
N ALA B 567 22.09 24.96 -18.15
CA ALA B 567 23.48 25.39 -18.17
C ALA B 567 23.64 26.87 -18.45
N LYS B 568 22.65 27.50 -19.10
CA LYS B 568 22.77 28.92 -19.44
C LYS B 568 22.43 29.81 -18.24
N THR B 569 21.24 29.63 -17.65
CA THR B 569 20.77 30.48 -16.58
C THR B 569 20.51 29.75 -15.27
N GLY B 570 20.14 28.48 -15.29
CA GLY B 570 19.82 27.73 -14.10
C GLY B 570 18.37 27.33 -13.97
N ASP B 571 17.51 27.79 -14.88
CA ASP B 571 16.10 27.42 -14.89
C ASP B 571 15.76 26.87 -16.28
N PRO B 572 15.26 25.65 -16.39
CA PRO B 572 15.04 25.04 -17.72
C PRO B 572 13.96 25.72 -18.56
N ASN B 573 13.38 26.82 -18.08
CA ASN B 573 12.26 27.45 -18.76
C ASN B 573 12.58 28.81 -19.36
N GLN B 574 13.35 29.66 -18.66
CA GLN B 574 13.41 31.07 -19.04
C GLN B 574 14.17 31.32 -20.33
N PRO B 575 15.48 31.01 -20.43
CA PRO B 575 16.26 31.58 -21.56
C PRO B 575 15.75 31.20 -22.94
N VAL B 576 15.26 29.97 -23.12
CA VAL B 576 14.85 29.51 -24.45
C VAL B 576 13.45 28.95 -24.38
N PRO B 577 12.56 29.33 -25.30
CA PRO B 577 11.21 28.76 -25.31
C PRO B 577 11.20 27.37 -25.96
N GLN B 578 10.12 26.64 -25.67
CA GLN B 578 9.97 25.27 -26.17
C GLN B 578 9.15 25.28 -27.46
N ASP B 579 9.75 25.81 -28.51
CA ASP B 579 9.12 25.91 -29.82
C ASP B 579 9.52 24.73 -30.70
N THR B 580 8.64 24.39 -31.64
CA THR B 580 8.90 23.27 -32.53
C THR B 580 10.14 23.54 -33.40
N LYS B 581 10.23 24.75 -33.96
CA LYS B 581 11.36 25.16 -34.79
C LYS B 581 11.59 24.20 -35.96
N PHE B 582 10.53 23.56 -36.44
CA PHE B 582 10.64 22.62 -37.55
C PHE B 582 9.77 23.08 -38.72
N ASN B 588 2.43 19.18 -30.29
CA ASN B 588 3.45 19.46 -29.28
C ASN B 588 2.80 19.93 -27.97
N ARG B 589 2.96 19.14 -26.91
CA ARG B 589 2.39 19.44 -25.61
C ARG B 589 3.40 20.05 -24.65
N PHE B 590 4.58 20.41 -25.13
CA PHE B 590 5.65 20.94 -24.30
C PHE B 590 5.62 22.46 -24.14
N GLU B 591 4.70 23.15 -24.82
CA GLU B 591 4.67 24.61 -24.73
C GLU B 591 4.10 25.08 -23.40
N GLU B 592 3.03 24.45 -22.93
CA GLU B 592 2.29 24.96 -21.78
C GLU B 592 2.80 24.43 -20.44
N VAL B 593 3.71 23.47 -20.44
CA VAL B 593 4.21 22.88 -19.21
C VAL B 593 5.36 23.72 -18.68
N VAL B 594 5.31 24.05 -17.38
CA VAL B 594 6.37 24.79 -16.71
C VAL B 594 6.99 23.89 -15.66
N TRP B 595 8.31 23.75 -15.70
CA TRP B 595 9.03 22.91 -14.76
C TRP B 595 9.17 23.64 -13.44
N SER B 596 8.66 23.04 -12.37
CA SER B 596 8.65 23.65 -11.05
C SER B 596 9.73 23.05 -10.16
N LYS B 597 10.15 23.82 -9.17
CA LYS B 597 11.19 23.38 -8.25
C LYS B 597 10.69 22.24 -7.37
N PHE B 598 11.62 21.39 -6.95
CA PHE B 598 11.32 20.26 -6.08
C PHE B 598 11.39 20.75 -4.63
N ASN B 599 10.23 20.88 -4.00
CA ASN B 599 10.13 21.27 -2.60
C ASN B 599 9.95 20.05 -1.73
N SER B 600 10.50 20.10 -0.52
CA SER B 600 10.47 18.94 0.37
C SER B 600 9.05 18.56 0.81
N LYS B 601 8.08 19.48 0.71
CA LYS B 601 6.72 19.20 1.11
C LYS B 601 5.74 19.14 -0.06
N GLU B 602 6.13 19.65 -1.23
CA GLU B 602 5.32 19.71 -2.43
C GLU B 602 6.08 19.09 -3.59
N LYS B 603 6.51 17.84 -3.41
CA LYS B 603 7.60 17.27 -4.19
C LYS B 603 7.22 17.08 -5.65
N GLN B 604 7.04 18.19 -6.37
CA GLN B 604 6.66 18.18 -7.77
C GLN B 604 7.85 17.81 -8.66
N TYR B 605 7.52 17.32 -9.86
CA TYR B 605 8.53 16.96 -10.84
C TYR B 605 7.89 17.04 -12.22
N LEU B 606 8.71 16.88 -13.24
CA LEU B 606 8.25 16.89 -14.63
C LEU B 606 8.34 15.48 -15.18
N HIS B 607 7.20 14.97 -15.68
CA HIS B 607 7.12 13.61 -16.19
C HIS B 607 7.45 13.64 -17.69
N ILE B 608 8.76 13.64 -17.98
CA ILE B 608 9.22 13.77 -19.35
C ILE B 608 8.76 12.58 -20.18
N GLY B 609 8.25 12.85 -21.37
CA GLY B 609 7.81 11.79 -22.26
C GLY B 609 7.07 12.38 -23.44
N LEU B 610 6.36 11.50 -24.14
CA LEU B 610 5.53 11.95 -25.25
C LEU B 610 4.26 12.65 -24.79
N LYS B 611 3.86 12.42 -23.54
CA LYS B 611 2.70 13.08 -22.94
C LYS B 611 3.14 13.67 -21.61
N PRO B 612 3.84 14.79 -21.63
CA PRO B 612 4.38 15.35 -20.39
C PRO B 612 3.28 15.89 -19.49
N ARG B 613 3.56 15.89 -18.19
CA ARG B 613 2.66 16.46 -17.19
C ARG B 613 3.45 16.67 -15.92
N VAL B 614 3.15 17.77 -15.22
CA VAL B 614 3.83 18.11 -13.97
C VAL B 614 3.07 17.40 -12.85
N ARG B 615 3.61 16.29 -12.37
CA ARG B 615 2.97 15.51 -11.33
C ARG B 615 3.29 16.13 -9.97
N ASP B 616 2.93 15.42 -8.89
CA ASP B 616 3.02 15.99 -7.55
C ASP B 616 3.86 15.14 -6.61
N ASN B 617 3.88 13.82 -6.82
CA ASN B 617 4.62 12.92 -5.95
C ASN B 617 4.90 11.64 -6.71
N TYR B 618 6.17 11.25 -6.79
CA TYR B 618 6.57 10.04 -7.51
C TYR B 618 6.63 8.88 -6.52
N ARG B 619 5.68 7.95 -6.67
CA ARG B 619 5.63 6.74 -5.87
C ARG B 619 5.76 7.05 -4.38
N ALA B 620 4.89 7.94 -3.91
CA ALA B 620 4.94 8.39 -2.52
C ALA B 620 4.78 7.22 -1.56
N ASN B 621 3.98 6.22 -1.93
CA ASN B 621 3.80 5.06 -1.06
C ASN B 621 5.07 4.22 -0.98
N LYS B 622 5.67 3.90 -2.13
CA LYS B 622 6.82 3.00 -2.15
C LYS B 622 8.09 3.72 -1.70
N VAL B 623 8.23 5.00 -2.02
CA VAL B 623 9.39 5.75 -1.54
C VAL B 623 9.36 5.86 -0.03
N ALA B 624 8.20 6.17 0.54
CA ALA B 624 8.09 6.30 1.99
C ALA B 624 8.26 4.96 2.69
N PHE B 625 7.97 3.85 2.00
CA PHE B 625 8.20 2.54 2.59
C PHE B 625 9.69 2.30 2.86
N TRP B 626 10.53 2.66 1.90
CA TRP B 626 11.97 2.42 2.03
C TRP B 626 12.63 3.42 2.96
N LEU B 627 12.09 4.64 3.04
CA LEU B 627 12.73 5.69 3.84
C LEU B 627 12.24 5.75 5.27
N GLU B 628 10.98 5.41 5.52
CA GLU B 628 10.39 5.51 6.85
C GLU B 628 10.22 4.17 7.55
N LEU B 629 9.50 3.23 6.92
CA LEU B 629 9.18 1.98 7.62
C LEU B 629 10.40 1.08 7.75
N VAL B 630 11.15 0.90 6.66
CA VAL B 630 12.21 -0.11 6.65
C VAL B 630 13.26 0.12 7.72
N PRO B 631 13.75 1.35 7.97
CA PRO B 631 14.73 1.51 9.05
C PRO B 631 14.21 1.13 10.43
N HIS B 632 12.90 1.05 10.61
CA HIS B 632 12.33 0.64 11.90
C HIS B 632 12.17 -0.87 12.03
N LEU B 633 12.43 -1.64 10.97
CA LEU B 633 12.18 -3.08 11.01
C LEU B 633 13.42 -3.84 11.48
N HIS B 634 14.52 -3.74 10.75
CA HIS B 634 15.73 -4.46 11.11
C HIS B 634 16.46 -3.80 12.28
N ASN B 635 16.46 -2.48 12.32
CA ASN B 635 17.19 -1.74 13.35
C ASN B 635 16.38 -0.55 13.86
#